data_1CVN
#
_entry.id   1CVN
#
_cell.length_a   81.650
_cell.length_b   66.680
_cell.length_c   108.320
_cell.angle_alpha   90.00
_cell.angle_beta   97.79
_cell.angle_gamma   90.00
#
_symmetry.space_group_name_H-M   'P 1 21 1'
#
loop_
_entity.id
_entity.type
_entity.pdbx_description
1 polymer 'CONCANAVALIN A'
2 branched alpha-D-mannopyranose-(1-3)-[alpha-D-mannopyranose-(1-6)]alpha-D-mannopyranose
3 non-polymer 'MANGANESE (II) ION'
4 non-polymer 'CALCIUM ION'
5 water water
#
_entity_poly.entity_id   1
_entity_poly.type   'polypeptide(L)'
_entity_poly.pdbx_seq_one_letter_code
;ADTIVAVELDTYPNTDIGDPSYPHIGIDIKSVRSKKTAKWNMQNGKVGTAHIIYNSVDKRLSAVVSYPNADSATVSYDVD
LDNVLPEWVRVGLSASTGLYKETNTILSWSFTSKLKSNSTHETNALHFMFNQFSKDQKDLILQGDATTGTDGNLELTRVS
SNGSPQGSSVGRALFYAPVHIWESSAVVASFEATFTFLIKSPDSHPADGIAFFISNIDSSIPSGSTGRLLGLFPDAN
;
_entity_poly.pdbx_strand_id   A,B,C,D
#
loop_
_chem_comp.id
_chem_comp.type
_chem_comp.name
_chem_comp.formula
CA non-polymer 'CALCIUM ION' 'Ca 2'
MAN D-saccharide, alpha linking alpha-D-mannopyranose 'C6 H12 O6'
MN non-polymer 'MANGANESE (II) ION' 'Mn 2'
#
# COMPACT_ATOMS: atom_id res chain seq x y z
N ALA A 1 -19.88 -18.30 24.88
CA ALA A 1 -18.80 -17.36 25.34
C ALA A 1 -18.03 -16.81 24.12
N ASP A 2 -17.23 -15.77 24.36
CA ASP A 2 -16.44 -15.17 23.29
C ASP A 2 -15.20 -16.00 23.05
N THR A 3 -14.71 -15.99 21.82
CA THR A 3 -13.50 -16.74 21.46
C THR A 3 -12.47 -15.63 21.35
N ILE A 4 -11.48 -15.64 22.24
CA ILE A 4 -10.44 -14.63 22.26
C ILE A 4 -9.00 -15.08 22.03
N VAL A 5 -8.31 -14.34 21.16
CA VAL A 5 -6.91 -14.59 20.83
C VAL A 5 -6.37 -13.17 20.98
N ALA A 6 -5.44 -12.99 21.92
CA ALA A 6 -4.87 -11.70 22.17
C ALA A 6 -3.38 -11.74 22.53
N VAL A 7 -2.74 -10.60 22.30
CA VAL A 7 -1.32 -10.42 22.58
C VAL A 7 -1.38 -9.38 23.69
N GLU A 8 -0.99 -9.80 24.89
CA GLU A 8 -1.00 -8.91 26.02
C GLU A 8 0.31 -8.27 26.41
N LEU A 9 0.20 -7.02 26.83
CA LEU A 9 1.32 -6.20 27.28
C LEU A 9 0.91 -6.06 28.75
N ASP A 10 1.25 -7.08 29.53
CA ASP A 10 0.94 -7.16 30.95
C ASP A 10 1.92 -6.42 31.85
N THR A 11 1.46 -5.29 32.39
CA THR A 11 2.27 -4.45 33.28
C THR A 11 2.24 -4.84 34.74
N TYR A 12 1.29 -5.66 35.14
CA TYR A 12 1.20 -6.08 36.53
C TYR A 12 1.20 -7.62 36.74
N PRO A 13 2.25 -8.13 37.40
CA PRO A 13 2.30 -9.59 37.62
C PRO A 13 1.34 -10.09 38.68
N ASN A 14 0.45 -10.99 38.29
CA ASN A 14 -0.52 -11.58 39.18
C ASN A 14 -0.06 -13.03 39.21
N THR A 15 1.00 -13.30 39.96
CA THR A 15 1.55 -14.66 40.06
C THR A 15 0.55 -15.73 40.47
N ASP A 16 -0.43 -15.34 41.30
CA ASP A 16 -1.45 -16.27 41.77
C ASP A 16 -2.28 -16.86 40.65
N ILE A 17 -2.35 -16.19 39.50
CA ILE A 17 -3.13 -16.72 38.38
C ILE A 17 -2.27 -17.16 37.21
N GLY A 18 -0.98 -17.34 37.46
CA GLY A 18 -0.08 -17.77 36.42
C GLY A 18 0.86 -16.77 35.77
N ASP A 19 0.80 -15.50 36.15
CA ASP A 19 1.68 -14.50 35.56
C ASP A 19 3.07 -14.71 36.05
N PRO A 20 4.06 -14.31 35.25
CA PRO A 20 5.47 -14.44 35.64
C PRO A 20 5.63 -13.33 36.67
N SER A 21 6.66 -13.37 37.50
CA SER A 21 6.82 -12.35 38.50
C SER A 21 7.35 -11.02 38.01
N TYR A 22 7.20 -10.74 36.73
CA TYR A 22 7.68 -9.48 36.15
C TYR A 22 6.84 -9.08 34.97
N PRO A 23 6.79 -7.75 34.65
CA PRO A 23 6.01 -7.29 33.50
C PRO A 23 6.43 -8.15 32.32
N HIS A 24 5.46 -8.45 31.46
CA HIS A 24 5.73 -9.29 30.32
C HIS A 24 4.71 -9.10 29.21
N ILE A 25 5.00 -9.71 28.08
CA ILE A 25 4.12 -9.67 26.92
C ILE A 25 3.77 -11.15 26.79
N GLY A 26 2.56 -11.43 26.32
CA GLY A 26 2.17 -12.82 26.18
C GLY A 26 1.13 -13.04 25.11
N ILE A 27 1.00 -14.30 24.71
CA ILE A 27 0.05 -14.72 23.70
C ILE A 27 -1.04 -15.52 24.43
N ASP A 28 -2.25 -14.96 24.44
CA ASP A 28 -3.39 -15.58 25.10
C ASP A 28 -4.30 -16.23 24.10
N ILE A 29 -4.53 -17.54 24.28
CA ILE A 29 -5.41 -18.27 23.37
C ILE A 29 -6.57 -18.80 24.23
N LYS A 30 -7.66 -18.06 24.23
CA LYS A 30 -8.89 -18.38 24.98
C LYS A 30 -8.77 -18.40 26.51
N SER A 31 -7.71 -17.82 27.05
CA SER A 31 -7.50 -17.79 28.49
C SER A 31 -6.49 -16.71 28.83
N VAL A 32 -6.61 -16.14 30.02
CA VAL A 32 -5.71 -15.09 30.49
C VAL A 32 -4.33 -15.66 30.84
N ARG A 33 -4.24 -16.97 31.02
CA ARG A 33 -2.97 -17.60 31.35
C ARG A 33 -2.30 -17.83 30.01
N SER A 34 -1.42 -16.89 29.64
CA SER A 34 -0.69 -16.95 28.39
C SER A 34 -0.01 -18.27 28.08
N LYS A 35 -0.12 -18.69 26.83
CA LYS A 35 0.48 -19.93 26.38
C LYS A 35 1.97 -19.67 26.24
N LYS A 36 2.32 -18.39 26.12
CA LYS A 36 3.71 -17.99 25.97
C LYS A 36 3.90 -16.53 26.39
N THR A 37 4.96 -16.28 27.15
CA THR A 37 5.28 -14.94 27.64
C THR A 37 6.78 -14.66 27.48
N ALA A 38 7.14 -13.39 27.60
CA ALA A 38 8.52 -12.95 27.49
C ALA A 38 8.65 -11.71 28.37
N LYS A 39 9.77 -11.62 29.08
CA LYS A 39 10.03 -10.50 29.98
C LYS A 39 9.98 -9.19 29.18
N TRP A 40 9.27 -8.21 29.72
CA TRP A 40 9.13 -6.91 29.08
C TRP A 40 9.58 -5.80 30.01
N ASN A 41 10.56 -5.02 29.59
CA ASN A 41 11.05 -3.93 30.40
C ASN A 41 10.26 -2.70 30.07
N MET A 42 9.09 -2.61 30.68
CA MET A 42 8.18 -1.50 30.47
C MET A 42 8.79 -0.20 30.98
N GLN A 43 8.64 0.86 30.19
CA GLN A 43 9.18 2.15 30.58
C GLN A 43 8.04 3.12 30.86
N ASN A 44 7.90 3.46 32.13
CA ASN A 44 6.88 4.37 32.59
C ASN A 44 6.98 5.76 31.97
N GLY A 45 5.87 6.20 31.38
CA GLY A 45 5.82 7.52 30.74
C GLY A 45 6.38 7.66 29.34
N LYS A 46 6.86 6.57 28.75
CA LYS A 46 7.42 6.64 27.40
C LYS A 46 6.55 5.98 26.33
N VAL A 47 6.56 6.56 25.14
CA VAL A 47 5.79 6.04 24.03
C VAL A 47 6.48 4.78 23.52
N GLY A 48 5.72 3.72 23.37
CA GLY A 48 6.28 2.47 22.89
C GLY A 48 5.54 2.00 21.68
N THR A 49 6.10 1.01 21.00
CA THR A 49 5.48 0.46 19.82
C THR A 49 5.40 -1.04 19.89
N ALA A 50 4.28 -1.55 19.39
CA ALA A 50 4.01 -2.98 19.37
C ALA A 50 3.70 -3.33 17.93
N HIS A 51 4.21 -4.48 17.52
CA HIS A 51 4.02 -4.98 16.18
C HIS A 51 3.67 -6.46 16.32
N ILE A 52 2.55 -6.87 15.71
CA ILE A 52 2.09 -8.26 15.75
C ILE A 52 1.94 -8.73 14.30
N ILE A 53 2.38 -9.96 14.03
CA ILE A 53 2.31 -10.52 12.70
C ILE A 53 1.94 -12.01 12.73
N TYR A 54 1.28 -12.45 11.65
CA TYR A 54 0.86 -13.83 11.50
C TYR A 54 0.62 -14.14 10.03
N ASN A 55 0.96 -15.36 9.64
CA ASN A 55 0.77 -15.84 8.27
C ASN A 55 0.50 -17.33 8.37
N SER A 56 -0.42 -17.79 7.53
CA SER A 56 -0.84 -19.18 7.45
C SER A 56 0.19 -20.19 6.95
N VAL A 57 1.31 -19.70 6.42
CA VAL A 57 2.34 -20.60 5.91
C VAL A 57 3.10 -21.19 7.10
N ASP A 58 3.54 -20.30 7.99
CA ASP A 58 4.28 -20.72 9.17
C ASP A 58 3.36 -21.04 10.37
N LYS A 59 2.16 -20.46 10.37
CA LYS A 59 1.18 -20.68 11.45
C LYS A 59 1.86 -20.43 12.80
N ARG A 60 2.40 -19.21 12.89
CA ARG A 60 3.09 -18.75 14.06
C ARG A 60 2.68 -17.30 14.26
N LEU A 61 2.31 -16.97 15.50
CA LEU A 61 1.89 -15.62 15.85
C LEU A 61 3.04 -15.01 16.65
N SER A 62 3.57 -13.89 16.17
CA SER A 62 4.66 -13.20 16.83
C SER A 62 4.40 -11.75 17.13
N ALA A 63 5.13 -11.25 18.12
CA ALA A 63 5.00 -9.88 18.52
C ALA A 63 6.31 -9.35 19.09
N VAL A 64 6.54 -8.07 18.83
CA VAL A 64 7.71 -7.34 19.29
C VAL A 64 7.18 -6.03 19.86
N VAL A 65 7.66 -5.69 21.04
CA VAL A 65 7.24 -4.47 21.70
C VAL A 65 8.57 -3.79 22.06
N SER A 66 8.70 -2.52 21.68
CA SER A 66 9.91 -1.78 21.99
C SER A 66 9.75 -0.28 22.18
N TYR A 67 10.77 0.31 22.77
CA TYR A 67 10.84 1.74 23.03
C TYR A 67 12.13 2.18 22.30
N PRO A 68 12.20 3.45 21.89
CA PRO A 68 13.38 3.95 21.18
C PRO A 68 14.64 3.83 22.05
N ASN A 69 15.74 3.46 21.41
CA ASN A 69 17.02 3.32 22.10
C ASN A 69 16.87 2.31 23.22
N ALA A 70 16.09 1.27 22.98
CA ALA A 70 15.89 0.24 24.00
C ALA A 70 15.74 -1.10 23.33
N ASP A 71 16.16 -2.16 24.03
CA ASP A 71 16.06 -3.52 23.52
C ASP A 71 14.58 -3.90 23.48
N SER A 72 14.20 -4.68 22.49
CA SER A 72 12.82 -5.10 22.36
C SER A 72 12.50 -6.43 22.99
N ALA A 73 11.22 -6.66 23.24
CA ALA A 73 10.70 -7.88 23.84
C ALA A 73 9.99 -8.57 22.68
N THR A 74 10.31 -9.85 22.49
CA THR A 74 9.73 -10.64 21.43
C THR A 74 9.09 -11.90 22.00
N VAL A 75 7.96 -12.29 21.42
CA VAL A 75 7.23 -13.47 21.86
C VAL A 75 6.53 -14.06 20.63
N SER A 76 6.69 -15.36 20.45
CA SER A 76 6.11 -16.08 19.33
C SER A 76 5.51 -17.41 19.80
N TYR A 77 4.44 -17.82 19.15
CA TYR A 77 3.75 -19.06 19.50
C TYR A 77 3.15 -19.67 18.26
N ASP A 78 3.38 -20.96 18.08
CA ASP A 78 2.86 -21.69 16.93
C ASP A 78 1.40 -21.99 17.15
N VAL A 79 0.54 -21.43 16.31
CA VAL A 79 -0.88 -21.65 16.44
C VAL A 79 -1.60 -21.48 15.10
N ASP A 80 -2.46 -22.46 14.79
CA ASP A 80 -3.21 -22.41 13.55
C ASP A 80 -4.53 -21.76 13.90
N LEU A 81 -4.64 -20.46 13.61
CA LEU A 81 -5.86 -19.74 13.92
C LEU A 81 -7.14 -20.28 13.28
N ASP A 82 -6.99 -21.11 12.25
CA ASP A 82 -8.14 -21.70 11.57
C ASP A 82 -8.91 -22.58 12.55
N ASN A 83 -8.17 -23.24 13.42
CA ASN A 83 -8.77 -24.13 14.40
C ASN A 83 -9.20 -23.43 15.68
N VAL A 84 -8.84 -22.16 15.83
CA VAL A 84 -9.20 -21.39 17.02
C VAL A 84 -10.29 -20.36 16.83
N LEU A 85 -10.15 -19.55 15.80
CA LEU A 85 -11.11 -18.50 15.51
C LEU A 85 -12.08 -18.76 14.37
N PRO A 86 -13.22 -18.05 14.39
CA PRO A 86 -14.17 -18.24 13.30
C PRO A 86 -13.61 -17.55 12.05
N GLU A 87 -14.21 -17.82 10.91
CA GLU A 87 -13.80 -17.25 9.63
C GLU A 87 -13.86 -15.69 9.59
N TRP A 88 -14.89 -15.13 10.22
CA TRP A 88 -15.11 -13.68 10.30
C TRP A 88 -14.96 -13.27 11.76
N VAL A 89 -14.11 -12.28 12.01
CA VAL A 89 -13.85 -11.80 13.36
C VAL A 89 -13.80 -10.29 13.36
N ARG A 90 -13.49 -9.72 14.52
CA ARG A 90 -13.38 -8.26 14.69
C ARG A 90 -12.07 -8.11 15.46
N VAL A 91 -11.30 -7.10 15.11
CA VAL A 91 -10.04 -6.87 15.79
C VAL A 91 -10.17 -5.60 16.63
N GLY A 92 -9.40 -5.55 17.72
CA GLY A 92 -9.47 -4.39 18.60
C GLY A 92 -8.34 -4.33 19.61
N LEU A 93 -8.44 -3.29 20.45
CA LEU A 93 -7.49 -3.02 21.51
C LEU A 93 -8.29 -2.98 22.81
N SER A 94 -7.72 -3.55 23.87
CA SER A 94 -8.33 -3.61 25.19
C SER A 94 -7.35 -3.17 26.29
N ALA A 95 -7.87 -2.62 27.38
CA ALA A 95 -7.03 -2.18 28.49
C ALA A 95 -7.84 -2.15 29.77
N SER A 96 -7.14 -2.25 30.90
CA SER A 96 -7.79 -2.23 32.21
C SER A 96 -6.90 -1.76 33.34
N THR A 97 -7.54 -1.36 34.45
CA THR A 97 -6.88 -0.89 35.67
C THR A 97 -7.64 -1.57 36.80
N GLY A 98 -7.04 -1.67 37.98
CA GLY A 98 -7.71 -2.31 39.10
C GLY A 98 -7.40 -1.45 40.29
N LEU A 99 -6.81 -2.04 41.32
CA LEU A 99 -6.47 -1.29 42.52
C LEU A 99 -5.39 -0.32 42.07
N TYR A 100 -4.44 -0.80 41.25
CA TYR A 100 -3.36 0.03 40.73
C TYR A 100 -3.74 0.50 39.34
N LYS A 101 -3.22 1.66 38.94
CA LYS A 101 -3.52 2.23 37.64
C LYS A 101 -2.36 2.71 36.76
N GLU A 102 -2.72 3.13 35.54
CA GLU A 102 -1.81 3.63 34.52
C GLU A 102 -2.71 4.14 33.42
N THR A 103 -2.20 4.99 32.54
CA THR A 103 -3.01 5.51 31.44
C THR A 103 -2.78 4.46 30.37
N ASN A 104 -3.79 4.21 29.54
CA ASN A 104 -3.66 3.22 28.47
C ASN A 104 -4.00 3.95 27.19
N THR A 105 -3.20 4.97 26.90
CA THR A 105 -3.35 5.81 25.73
C THR A 105 -2.76 5.21 24.45
N ILE A 106 -3.55 5.24 23.38
CA ILE A 106 -3.15 4.71 22.09
C ILE A 106 -3.00 5.94 21.19
N LEU A 107 -1.78 6.12 20.65
CA LEU A 107 -1.48 7.25 19.77
C LEU A 107 -1.70 6.94 18.30
N SER A 108 -1.59 5.68 17.94
CA SER A 108 -1.80 5.24 16.56
C SER A 108 -2.05 3.74 16.51
N TRP A 109 -2.75 3.31 15.46
CA TRP A 109 -3.06 1.91 15.29
C TRP A 109 -3.34 1.67 13.82
N SER A 110 -2.70 0.65 13.25
CA SER A 110 -2.89 0.30 11.85
C SER A 110 -3.00 -1.21 11.79
N PHE A 111 -3.68 -1.70 10.77
CA PHE A 111 -3.88 -3.12 10.61
C PHE A 111 -4.03 -3.39 9.11
N THR A 112 -3.45 -4.51 8.67
CA THR A 112 -3.49 -4.93 7.27
C THR A 112 -3.69 -6.43 7.25
N SER A 113 -4.67 -6.87 6.46
CA SER A 113 -4.99 -8.28 6.33
C SER A 113 -5.14 -8.60 4.84
N LYS A 114 -4.59 -9.75 4.44
CA LYS A 114 -4.65 -10.22 3.05
C LYS A 114 -5.00 -11.69 2.97
N LEU A 115 -5.82 -12.02 1.99
CA LEU A 115 -6.28 -13.38 1.74
C LEU A 115 -6.14 -13.64 0.25
N LYS A 116 -5.34 -14.64 -0.09
CA LYS A 116 -5.13 -14.99 -1.48
C LYS A 116 -5.82 -16.32 -1.67
N SER A 117 -6.67 -16.39 -2.68
CA SER A 117 -7.40 -17.62 -2.98
C SER A 117 -6.78 -18.30 -4.20
N ASN A 118 -7.30 -19.46 -4.59
CA ASN A 118 -6.79 -20.20 -5.74
C ASN A 118 -7.09 -19.52 -7.07
N SER A 119 -6.52 -18.34 -7.30
CA SER A 119 -6.74 -17.59 -8.54
C SER A 119 -5.67 -16.52 -8.76
N THR A 120 -5.48 -16.13 -10.01
CA THR A 120 -4.49 -15.11 -10.38
C THR A 120 -4.71 -13.74 -9.75
N HIS A 121 -3.73 -13.31 -8.96
CA HIS A 121 -3.75 -12.02 -8.26
C HIS A 121 -5.04 -11.78 -7.47
N GLU A 122 -5.85 -12.82 -7.32
CA GLU A 122 -7.09 -12.69 -6.58
C GLU A 122 -6.82 -12.66 -5.09
N THR A 123 -6.56 -11.45 -4.63
CA THR A 123 -6.29 -11.19 -3.23
C THR A 123 -7.32 -10.19 -2.75
N ASN A 124 -7.88 -10.48 -1.58
CA ASN A 124 -8.87 -9.62 -0.99
C ASN A 124 -8.04 -9.01 0.13
N ALA A 125 -8.16 -7.71 0.33
CA ALA A 125 -7.39 -7.09 1.39
C ALA A 125 -8.15 -6.00 2.13
N LEU A 126 -7.72 -5.77 3.37
CA LEU A 126 -8.30 -4.77 4.25
C LEU A 126 -7.15 -4.06 4.95
N HIS A 127 -7.19 -2.74 4.94
CA HIS A 127 -6.17 -1.96 5.58
C HIS A 127 -6.77 -0.68 6.11
N PHE A 128 -6.36 -0.32 7.31
CA PHE A 128 -6.83 0.89 7.96
C PHE A 128 -5.68 1.40 8.80
N MET A 129 -5.57 2.71 8.89
CA MET A 129 -4.51 3.34 9.65
C MET A 129 -5.03 4.53 10.39
N PHE A 130 -4.82 4.55 11.69
CA PHE A 130 -5.26 5.63 12.55
C PHE A 130 -4.06 6.26 13.21
N ASN A 131 -3.88 7.55 12.96
CA ASN A 131 -2.76 8.28 13.54
C ASN A 131 -3.40 9.34 14.42
N GLN A 132 -4.64 9.64 14.13
CA GLN A 132 -5.40 10.63 14.88
C GLN A 132 -6.79 10.09 15.12
N PHE A 133 -7.29 10.23 16.34
CA PHE A 133 -8.61 9.76 16.66
C PHE A 133 -9.46 11.00 16.90
N SER A 134 -10.64 11.04 16.28
CA SER A 134 -11.52 12.18 16.45
C SER A 134 -12.58 11.91 17.49
N LYS A 135 -13.25 12.98 17.90
CA LYS A 135 -14.31 12.94 18.90
C LYS A 135 -15.48 12.05 18.41
N ASP A 136 -15.68 12.02 17.11
CA ASP A 136 -16.75 11.21 16.54
C ASP A 136 -16.13 10.24 15.53
N GLN A 137 -15.47 9.23 16.07
CA GLN A 137 -14.79 8.18 15.30
C GLN A 137 -15.81 7.07 14.96
N LYS A 138 -16.65 7.31 13.96
CA LYS A 138 -17.65 6.34 13.57
C LYS A 138 -17.22 4.95 13.10
N ASP A 139 -15.97 4.78 12.73
CA ASP A 139 -15.50 3.47 12.27
C ASP A 139 -14.89 2.61 13.37
N LEU A 140 -15.09 3.05 14.61
CA LEU A 140 -14.60 2.38 15.80
C LEU A 140 -15.78 2.15 16.74
N ILE A 141 -15.81 0.99 17.36
CA ILE A 141 -16.84 0.62 18.30
C ILE A 141 -16.13 0.73 19.64
N LEU A 142 -16.50 1.74 20.42
CA LEU A 142 -15.91 1.95 21.73
C LEU A 142 -16.73 1.24 22.78
N GLN A 143 -16.06 0.47 23.61
CA GLN A 143 -16.74 -0.26 24.67
C GLN A 143 -16.18 0.12 26.02
N GLY A 144 -17.05 0.14 27.03
CA GLY A 144 -16.63 0.48 28.37
C GLY A 144 -16.26 1.94 28.53
N ASP A 145 -15.07 2.17 29.10
CA ASP A 145 -14.55 3.50 29.34
C ASP A 145 -13.73 4.12 28.21
N ALA A 146 -13.54 3.40 27.10
CA ALA A 146 -12.77 3.91 25.97
C ALA A 146 -13.34 5.17 25.35
N THR A 147 -12.50 6.19 25.16
CA THR A 147 -12.94 7.46 24.55
C THR A 147 -11.89 8.00 23.60
N THR A 148 -12.35 8.72 22.57
CA THR A 148 -11.47 9.31 21.57
C THR A 148 -11.66 10.82 21.55
N GLY A 149 -10.67 11.53 21.01
CA GLY A 149 -10.76 12.97 20.94
C GLY A 149 -9.80 13.73 21.81
N THR A 150 -9.46 13.20 22.98
CA THR A 150 -8.54 13.90 23.87
C THR A 150 -7.13 13.96 23.32
N ASP A 151 -6.81 15.10 22.71
CA ASP A 151 -5.53 15.38 22.10
C ASP A 151 -5.32 14.50 20.88
N GLY A 152 -6.43 14.04 20.30
CA GLY A 152 -6.36 13.19 19.12
C GLY A 152 -5.97 11.75 19.43
N ASN A 153 -6.01 11.39 20.71
CA ASN A 153 -5.67 10.06 21.17
C ASN A 153 -6.85 9.22 21.58
N LEU A 154 -6.60 7.92 21.72
CA LEU A 154 -7.60 6.93 22.12
C LEU A 154 -7.26 6.52 23.57
N GLU A 155 -8.14 6.89 24.49
CA GLU A 155 -7.95 6.56 25.90
C GLU A 155 -8.77 5.34 26.22
N LEU A 156 -8.12 4.18 26.25
CA LEU A 156 -8.81 2.93 26.53
C LEU A 156 -9.47 2.89 27.91
N THR A 157 -8.81 3.42 28.92
CA THR A 157 -9.37 3.42 30.25
C THR A 157 -9.62 4.87 30.71
N ARG A 158 -10.42 5.00 31.76
CA ARG A 158 -10.79 6.25 32.37
C ARG A 158 -9.61 7.09 32.85
N VAL A 159 -9.53 8.32 32.38
CA VAL A 159 -8.47 9.26 32.75
C VAL A 159 -9.25 10.49 33.17
N SER A 160 -8.96 11.03 34.34
CA SER A 160 -9.68 12.20 34.82
C SER A 160 -9.36 13.46 34.01
N SER A 161 -10.11 14.52 34.30
CA SER A 161 -9.91 15.80 33.62
C SER A 161 -8.48 16.30 33.84
N ASN A 162 -7.96 16.15 35.07
CA ASN A 162 -6.61 16.60 35.38
C ASN A 162 -5.53 15.70 34.77
N GLY A 163 -5.96 14.69 34.01
CA GLY A 163 -5.03 13.78 33.37
C GLY A 163 -4.54 12.58 34.16
N SER A 164 -5.07 12.36 35.35
CA SER A 164 -4.65 11.22 36.17
C SER A 164 -5.49 9.96 35.89
N PRO A 165 -4.84 8.80 35.79
CA PRO A 165 -5.50 7.52 35.53
C PRO A 165 -6.36 7.02 36.71
N GLN A 166 -7.50 6.43 36.39
CA GLN A 166 -8.42 5.91 37.40
C GLN A 166 -8.31 4.37 37.50
N GLY A 167 -8.54 3.85 38.70
CA GLY A 167 -8.49 2.41 38.93
C GLY A 167 -9.83 1.78 38.63
N SER A 168 -9.87 0.46 38.48
CA SER A 168 -11.10 -0.27 38.20
C SER A 168 -11.81 0.18 36.93
N SER A 169 -11.03 0.37 35.87
CA SER A 169 -11.55 0.81 34.59
C SER A 169 -11.23 -0.22 33.50
N VAL A 170 -12.12 -0.32 32.50
CA VAL A 170 -11.97 -1.24 31.37
C VAL A 170 -12.52 -0.56 30.13
N GLY A 171 -11.85 -0.77 29.01
CA GLY A 171 -12.28 -0.17 27.78
C GLY A 171 -11.66 -0.91 26.61
N ARG A 172 -12.35 -0.85 25.48
CA ARG A 172 -11.93 -1.49 24.26
C ARG A 172 -12.39 -0.66 23.07
N ALA A 173 -11.73 -0.89 21.94
CA ALA A 173 -12.04 -0.21 20.69
C ALA A 173 -11.89 -1.32 19.68
N LEU A 174 -12.93 -1.53 18.89
CA LEU A 174 -12.94 -2.55 17.87
C LEU A 174 -13.22 -1.85 16.57
N PHE A 175 -12.54 -2.28 15.51
CA PHE A 175 -12.77 -1.65 14.21
C PHE A 175 -14.18 -2.08 13.82
N TYR A 176 -14.94 -1.17 13.24
CA TYR A 176 -16.31 -1.40 12.81
C TYR A 176 -16.61 -2.55 11.87
N ALA A 177 -15.77 -2.77 10.85
CA ALA A 177 -16.02 -3.85 9.91
C ALA A 177 -15.49 -5.23 10.31
N PRO A 178 -16.23 -6.31 10.03
CA PRO A 178 -15.76 -7.67 10.37
C PRO A 178 -14.62 -7.98 9.43
N VAL A 179 -13.62 -8.71 9.94
CA VAL A 179 -12.45 -9.10 9.19
C VAL A 179 -12.45 -10.59 8.82
N HIS A 180 -12.25 -10.90 7.56
CA HIS A 180 -12.22 -12.28 7.09
C HIS A 180 -10.80 -12.70 7.40
N ILE A 181 -10.63 -13.29 8.57
CA ILE A 181 -9.31 -13.72 9.00
C ILE A 181 -8.74 -14.96 8.30
N TRP A 182 -9.60 -15.81 7.73
CA TRP A 182 -9.15 -17.00 7.04
C TRP A 182 -10.25 -17.58 6.17
N GLU A 183 -9.87 -18.52 5.31
CA GLU A 183 -10.81 -19.17 4.40
C GLU A 183 -10.20 -20.48 3.95
N SER A 184 -10.98 -21.55 4.00
CA SER A 184 -10.54 -22.88 3.61
C SER A 184 -9.77 -22.99 2.29
N SER A 185 -10.17 -22.20 1.31
CA SER A 185 -9.52 -22.22 0.00
C SER A 185 -8.48 -21.13 -0.24
N ALA A 186 -7.91 -20.58 0.83
CA ALA A 186 -6.90 -19.53 0.70
C ALA A 186 -5.49 -20.13 0.66
N VAL A 187 -4.69 -19.71 -0.31
CA VAL A 187 -3.31 -20.18 -0.48
C VAL A 187 -2.47 -19.56 0.61
N VAL A 188 -2.61 -18.25 0.76
CA VAL A 188 -1.89 -17.50 1.77
C VAL A 188 -2.89 -16.56 2.41
N ALA A 189 -2.64 -16.24 3.67
CA ALA A 189 -3.47 -15.34 4.44
C ALA A 189 -2.51 -14.79 5.46
N SER A 190 -2.60 -13.50 5.72
CA SER A 190 -1.71 -12.90 6.68
C SER A 190 -2.30 -11.63 7.22
N PHE A 191 -1.78 -11.21 8.37
CA PHE A 191 -2.23 -9.99 8.98
C PHE A 191 -1.05 -9.37 9.73
N GLU A 192 -1.12 -8.06 9.83
CA GLU A 192 -0.11 -7.26 10.49
C GLU A 192 -0.81 -6.17 11.28
N ALA A 193 -0.41 -6.00 12.53
CA ALA A 193 -1.01 -4.98 13.40
C ALA A 193 0.12 -4.19 14.03
N THR A 194 -0.10 -2.89 14.16
CA THR A 194 0.90 -2.02 14.74
C THR A 194 0.20 -0.92 15.52
N PHE A 195 0.71 -0.59 16.70
CA PHE A 195 0.09 0.47 17.48
C PHE A 195 1.12 1.05 18.43
N THR A 196 0.99 2.35 18.69
CA THR A 196 1.91 3.01 19.59
C THR A 196 1.09 3.37 20.80
N PHE A 197 1.70 3.27 21.98
CA PHE A 197 1.02 3.57 23.22
C PHE A 197 1.84 4.39 24.18
N LEU A 198 1.17 4.83 25.22
CA LEU A 198 1.78 5.61 26.27
C LEU A 198 1.18 5.17 27.61
N ILE A 199 1.97 4.41 28.37
CA ILE A 199 1.55 3.91 29.67
C ILE A 199 2.25 4.79 30.71
N LYS A 200 1.48 5.59 31.42
CA LYS A 200 2.00 6.48 32.44
C LYS A 200 1.33 6.11 33.76
N SER A 201 2.14 5.87 34.78
CA SER A 201 1.62 5.50 36.09
C SER A 201 2.20 6.33 37.23
N PRO A 202 1.35 7.12 37.91
CA PRO A 202 1.76 7.98 39.03
C PRO A 202 1.87 7.22 40.36
N ASP A 203 1.01 6.23 40.53
CA ASP A 203 0.99 5.43 41.75
C ASP A 203 2.11 4.37 41.86
N SER A 204 2.07 3.63 42.97
CA SER A 204 3.02 2.58 43.32
C SER A 204 3.42 1.62 42.19
N HIS A 205 2.44 0.95 41.61
CA HIS A 205 2.71 -0.01 40.52
C HIS A 205 1.80 0.28 39.37
N PRO A 206 2.23 -0.02 38.15
CA PRO A 206 1.37 0.22 36.99
C PRO A 206 0.52 -1.05 36.88
N ALA A 207 -0.70 -0.89 36.40
CA ALA A 207 -1.61 -2.01 36.23
C ALA A 207 -2.74 -1.50 35.36
N ASP A 208 -3.35 -2.35 34.54
CA ASP A 208 -2.99 -3.76 34.45
C ASP A 208 -2.36 -4.15 33.11
N GLY A 209 -2.58 -3.34 32.08
CA GLY A 209 -2.01 -3.63 30.78
C GLY A 209 -2.90 -3.32 29.60
N ILE A 210 -2.34 -3.55 28.41
CA ILE A 210 -3.03 -3.31 27.14
C ILE A 210 -2.94 -4.62 26.35
N ALA A 211 -3.92 -4.87 25.49
CA ALA A 211 -3.91 -6.08 24.69
C ALA A 211 -4.53 -5.86 23.34
N PHE A 212 -3.97 -6.54 22.33
CA PHE A 212 -4.45 -6.47 20.97
C PHE A 212 -5.22 -7.78 20.90
N PHE A 213 -6.47 -7.75 20.46
CA PHE A 213 -7.24 -8.99 20.39
C PHE A 213 -8.04 -9.16 19.11
N ILE A 214 -8.34 -10.42 18.84
CA ILE A 214 -9.11 -10.85 17.69
C ILE A 214 -10.25 -11.61 18.38
N SER A 215 -11.49 -11.37 17.97
CA SER A 215 -12.60 -12.04 18.59
C SER A 215 -13.76 -12.26 17.67
N ASN A 216 -14.81 -12.86 18.23
CA ASN A 216 -16.04 -13.13 17.49
C ASN A 216 -16.63 -11.73 17.31
N ILE A 217 -17.26 -11.52 16.16
CA ILE A 217 -17.87 -10.25 15.83
C ILE A 217 -18.68 -9.56 16.91
N ASP A 218 -19.51 -10.32 17.59
CA ASP A 218 -20.34 -9.75 18.65
C ASP A 218 -19.74 -9.74 20.05
N SER A 219 -18.43 -9.87 20.14
CA SER A 219 -17.76 -9.87 21.44
C SER A 219 -18.03 -8.58 22.21
N SER A 220 -18.05 -8.68 23.53
CA SER A 220 -18.28 -7.52 24.39
C SER A 220 -17.49 -7.73 25.68
N ILE A 221 -17.25 -6.66 26.43
CA ILE A 221 -16.51 -6.76 27.68
C ILE A 221 -17.26 -7.64 28.67
N PRO A 222 -16.60 -8.71 29.15
CA PRO A 222 -17.29 -9.57 30.13
C PRO A 222 -17.50 -8.71 31.38
N SER A 223 -18.58 -8.95 32.14
CA SER A 223 -18.84 -8.14 33.33
C SER A 223 -17.81 -8.40 34.42
N GLY A 224 -17.30 -7.33 35.01
CA GLY A 224 -16.31 -7.46 36.07
C GLY A 224 -14.87 -7.76 35.65
N SER A 225 -14.58 -7.71 34.34
CA SER A 225 -13.25 -8.00 33.82
C SER A 225 -12.24 -6.84 33.88
N THR A 226 -12.21 -6.14 35.00
CA THR A 226 -11.28 -5.02 35.18
C THR A 226 -10.05 -5.71 35.77
N GLY A 227 -9.03 -4.93 36.11
CA GLY A 227 -7.83 -5.51 36.67
C GLY A 227 -7.17 -6.56 35.76
N ARG A 228 -6.60 -7.58 36.38
CA ARG A 228 -5.92 -8.70 35.72
C ARG A 228 -6.59 -9.35 34.52
N LEU A 229 -7.90 -9.23 34.38
CA LEU A 229 -8.64 -9.84 33.26
C LEU A 229 -8.58 -9.10 31.94
N LEU A 230 -7.92 -7.95 31.97
CA LEU A 230 -7.72 -7.09 30.80
C LEU A 230 -8.91 -6.74 29.93
N GLY A 231 -10.13 -6.90 30.46
CA GLY A 231 -11.35 -6.59 29.72
C GLY A 231 -11.62 -7.60 28.64
N LEU A 232 -10.94 -8.74 28.74
CA LEU A 232 -11.10 -9.81 27.75
C LEU A 232 -11.66 -11.14 28.23
N PHE A 233 -11.37 -11.49 29.47
CA PHE A 233 -11.84 -12.74 30.01
C PHE A 233 -12.79 -12.63 31.22
N PRO A 234 -13.75 -13.56 31.32
CA PRO A 234 -14.74 -13.58 32.41
C PRO A 234 -14.13 -14.10 33.71
N ASP A 235 -13.15 -14.97 33.61
CA ASP A 235 -12.50 -15.51 34.79
C ASP A 235 -11.02 -15.75 34.52
N ALA A 236 -10.32 -16.25 35.53
CA ALA A 236 -8.89 -16.53 35.43
C ALA A 236 -8.57 -17.98 35.17
N ASN A 237 -9.48 -18.70 34.54
CA ASN A 237 -9.24 -20.10 34.24
C ASN A 237 -8.44 -20.20 32.96
N ALA B 1 -34.59 10.96 2.06
CA ALA B 1 -33.78 12.22 2.11
C ALA B 1 -32.26 11.93 2.19
N ASP B 2 -31.80 11.01 1.35
CA ASP B 2 -30.38 10.66 1.32
C ASP B 2 -29.62 11.68 0.48
N THR B 3 -28.36 11.90 0.79
CA THR B 3 -27.53 12.84 0.05
C THR B 3 -26.68 11.89 -0.80
N ILE B 4 -26.86 11.95 -2.12
CA ILE B 4 -26.15 11.10 -3.05
C ILE B 4 -25.22 11.79 -4.07
N VAL B 5 -24.00 11.25 -4.19
CA VAL B 5 -22.97 11.74 -5.11
C VAL B 5 -22.58 10.41 -5.78
N ALA B 6 -22.87 10.29 -7.07
CA ALA B 6 -22.55 9.07 -7.79
C ALA B 6 -22.03 9.28 -9.19
N VAL B 7 -21.32 8.27 -9.69
CA VAL B 7 -20.75 8.30 -11.03
C VAL B 7 -21.56 7.18 -11.68
N GLU B 8 -22.34 7.54 -12.69
CA GLU B 8 -23.16 6.57 -13.38
C GLU B 8 -22.63 6.10 -14.72
N LEU B 9 -22.93 4.84 -15.01
CA LEU B 9 -22.54 4.18 -16.24
C LEU B 9 -23.97 3.86 -16.73
N ASP B 10 -24.57 4.87 -17.36
CA ASP B 10 -25.92 4.79 -17.88
C ASP B 10 -26.01 4.14 -19.26
N THR B 11 -26.51 2.91 -19.29
CA THR B 11 -26.65 2.15 -20.52
C THR B 11 -27.94 2.39 -21.30
N TYR B 12 -28.92 3.03 -20.68
CA TYR B 12 -30.20 3.31 -21.37
C TYR B 12 -30.58 4.77 -21.33
N PRO B 13 -30.66 5.41 -22.50
CA PRO B 13 -31.04 6.82 -22.52
C PRO B 13 -32.54 7.09 -22.30
N ASN B 14 -32.83 7.90 -21.30
CA ASN B 14 -34.20 8.27 -20.95
C ASN B 14 -34.16 9.74 -21.19
N THR B 15 -34.30 10.12 -22.45
CA THR B 15 -34.27 11.54 -22.81
C THR B 15 -35.40 12.35 -22.15
N ASP B 16 -36.49 11.67 -21.77
CA ASP B 16 -37.61 12.35 -21.13
C ASP B 16 -37.26 12.96 -19.77
N ILE B 17 -36.14 12.52 -19.18
CA ILE B 17 -35.71 13.05 -17.88
C ILE B 17 -34.32 13.69 -17.95
N GLY B 18 -33.89 14.06 -19.15
CA GLY B 18 -32.58 14.68 -19.30
C GLY B 18 -31.39 13.89 -19.79
N ASP B 19 -31.53 12.59 -20.02
CA ASP B 19 -30.43 11.76 -20.50
C ASP B 19 -30.07 12.10 -21.93
N PRO B 20 -28.78 11.92 -22.29
CA PRO B 20 -28.35 12.20 -23.66
C PRO B 20 -28.92 11.05 -24.48
N SER B 21 -28.97 11.23 -25.80
CA SER B 21 -29.51 10.22 -26.71
C SER B 21 -28.60 9.04 -26.97
N TYR B 22 -27.70 8.77 -26.02
CA TYR B 22 -26.77 7.65 -26.19
C TYR B 22 -26.25 7.18 -24.85
N PRO B 23 -25.75 5.94 -24.78
CA PRO B 23 -25.21 5.47 -23.52
C PRO B 23 -24.16 6.51 -23.12
N HIS B 24 -24.00 6.71 -21.83
CA HIS B 24 -23.06 7.68 -21.35
C HIS B 24 -22.68 7.42 -19.91
N ILE B 25 -21.71 8.19 -19.43
CA ILE B 25 -21.25 8.09 -18.06
C ILE B 25 -21.51 9.50 -17.55
N GLY B 26 -21.85 9.63 -16.28
CA GLY B 26 -22.11 10.95 -15.76
C GLY B 26 -21.86 11.12 -14.28
N ILE B 27 -21.74 12.36 -13.86
CA ILE B 27 -21.49 12.69 -12.47
C ILE B 27 -22.81 13.24 -11.92
N ASP B 28 -23.42 12.49 -10.99
CA ASP B 28 -24.68 12.88 -10.37
C ASP B 28 -24.47 13.48 -8.99
N ILE B 29 -24.91 14.71 -8.80
CA ILE B 29 -24.77 15.37 -7.51
C ILE B 29 -26.21 15.64 -7.00
N LYS B 30 -26.69 14.71 -6.17
CA LYS B 30 -28.02 14.78 -5.57
C LYS B 30 -29.20 14.73 -6.53
N SER B 31 -28.96 14.38 -7.78
CA SER B 31 -30.04 14.31 -8.76
C SER B 31 -29.66 13.33 -9.84
N VAL B 32 -30.66 12.67 -10.42
CA VAL B 32 -30.45 11.69 -11.49
C VAL B 32 -30.02 12.40 -12.79
N ARG B 33 -30.27 13.70 -12.84
CA ARG B 33 -29.91 14.49 -14.00
C ARG B 33 -28.45 14.90 -13.82
N SER B 34 -27.54 14.11 -14.39
CA SER B 34 -26.11 14.37 -14.29
C SER B 34 -25.70 15.81 -14.55
N LYS B 35 -24.77 16.30 -13.75
CA LYS B 35 -24.27 17.65 -13.89
C LYS B 35 -23.29 17.61 -15.06
N LYS B 36 -22.81 16.41 -15.38
CA LYS B 36 -21.86 16.23 -16.46
C LYS B 36 -21.84 14.77 -16.99
N THR B 37 -21.90 14.65 -18.32
CA THR B 37 -21.91 13.35 -18.98
C THR B 37 -20.91 13.33 -20.14
N ALA B 38 -20.67 12.13 -20.68
CA ALA B 38 -19.76 11.93 -21.79
C ALA B 38 -20.22 10.67 -22.46
N LYS B 39 -20.17 10.67 -23.79
CA LYS B 39 -20.59 9.52 -24.58
C LYS B 39 -19.75 8.30 -24.19
N TRP B 40 -20.42 7.17 -24.01
CA TRP B 40 -19.76 5.93 -23.63
C TRP B 40 -20.14 4.83 -24.60
N ASN B 41 -19.13 4.25 -25.25
CA ASN B 41 -19.37 3.19 -26.19
C ASN B 41 -19.37 1.88 -25.46
N MET B 42 -20.46 1.59 -24.78
CA MET B 42 -20.61 0.36 -24.01
C MET B 42 -20.50 -0.87 -24.91
N GLN B 43 -19.78 -1.89 -24.43
CA GLN B 43 -19.60 -3.12 -25.19
C GLN B 43 -20.29 -4.29 -24.52
N ASN B 44 -21.41 -4.68 -25.10
CA ASN B 44 -22.23 -5.78 -24.61
C ASN B 44 -21.46 -7.08 -24.46
N GLY B 45 -21.47 -7.64 -23.25
CA GLY B 45 -20.78 -8.89 -23.00
C GLY B 45 -19.30 -8.82 -22.68
N LYS B 46 -18.72 -7.62 -22.66
CA LYS B 46 -17.29 -7.50 -22.36
C LYS B 46 -17.00 -6.93 -20.99
N VAL B 47 -15.95 -7.44 -20.35
CA VAL B 47 -15.53 -6.97 -19.03
C VAL B 47 -14.89 -5.60 -19.21
N GLY B 48 -15.37 -4.62 -18.46
CA GLY B 48 -14.82 -3.29 -18.55
C GLY B 48 -14.28 -2.87 -17.21
N THR B 49 -13.63 -1.71 -17.16
CA THR B 49 -13.08 -1.20 -15.92
C THR B 49 -13.37 0.26 -15.76
N ALA B 50 -13.72 0.63 -14.53
CA ALA B 50 -14.05 2.01 -14.20
C ALA B 50 -13.08 2.45 -13.11
N HIS B 51 -12.63 3.69 -13.21
CA HIS B 51 -11.71 4.25 -12.25
C HIS B 51 -12.25 5.66 -11.91
N ILE B 52 -12.39 5.93 -10.61
CA ILE B 52 -12.90 7.21 -10.13
C ILE B 52 -11.84 7.75 -9.17
N ILE B 53 -11.61 9.06 -9.23
CA ILE B 53 -10.61 9.69 -8.37
C ILE B 53 -11.04 11.11 -7.98
N TYR B 54 -10.60 11.53 -6.81
CA TYR B 54 -10.92 12.84 -6.30
C TYR B 54 -9.88 13.23 -5.26
N ASN B 55 -9.60 14.52 -5.16
CA ASN B 55 -8.63 15.06 -4.20
C ASN B 55 -9.09 16.49 -3.88
N SER B 56 -8.97 16.85 -2.61
CA SER B 56 -9.36 18.17 -2.11
C SER B 56 -8.54 19.36 -2.60
N VAL B 57 -7.41 19.10 -3.25
CA VAL B 57 -6.56 20.17 -3.76
C VAL B 57 -7.19 20.76 -5.00
N ASP B 58 -7.58 19.87 -5.92
CA ASP B 58 -8.22 20.26 -7.17
C ASP B 58 -9.74 20.39 -7.07
N LYS B 59 -10.35 19.64 -6.14
CA LYS B 59 -11.80 19.66 -5.93
C LYS B 59 -12.46 19.40 -7.26
N ARG B 60 -12.06 18.27 -7.84
CA ARG B 60 -12.55 17.82 -9.12
C ARG B 60 -12.74 16.31 -9.01
N LEU B 61 -13.90 15.84 -9.47
CA LEU B 61 -14.23 14.42 -9.44
C LEU B 61 -14.14 13.91 -10.89
N SER B 62 -13.24 12.95 -11.13
CA SER B 62 -13.06 12.38 -12.47
C SER B 62 -13.24 10.87 -12.54
N ALA B 63 -13.64 10.40 -13.71
CA ALA B 63 -13.85 8.99 -13.92
C ALA B 63 -13.51 8.65 -15.36
N VAL B 64 -13.05 7.43 -15.54
CA VAL B 64 -12.66 6.91 -16.84
C VAL B 64 -13.21 5.50 -16.88
N VAL B 65 -13.88 5.17 -17.97
CA VAL B 65 -14.44 3.84 -18.12
C VAL B 65 -13.88 3.34 -19.45
N SER B 66 -13.27 2.16 -19.45
CA SER B 66 -12.69 1.59 -20.66
C SER B 66 -12.72 0.08 -20.75
N TYR B 67 -12.56 -0.39 -21.97
CA TYR B 67 -12.54 -1.81 -22.26
C TYR B 67 -11.18 -2.03 -22.89
N PRO B 68 -10.60 -3.24 -22.72
CA PRO B 68 -9.29 -3.54 -23.28
C PRO B 68 -9.24 -3.29 -24.78
N ASN B 69 -8.15 -2.69 -25.25
CA ASN B 69 -7.96 -2.40 -26.66
C ASN B 69 -9.12 -1.58 -27.24
N ALA B 70 -9.56 -0.58 -26.48
CA ALA B 70 -10.66 0.29 -26.89
C ALA B 70 -10.42 1.69 -26.33
N ASP B 71 -11.06 2.70 -26.91
CA ASP B 71 -10.89 4.06 -26.43
C ASP B 71 -11.74 4.25 -25.17
N SER B 72 -11.23 5.01 -24.19
CA SER B 72 -11.94 5.24 -22.96
C SER B 72 -12.86 6.43 -22.96
N ALA B 73 -13.76 6.46 -21.99
CA ALA B 73 -14.72 7.53 -21.83
C ALA B 73 -14.30 8.19 -20.52
N THR B 74 -14.13 9.50 -20.58
CA THR B 74 -13.71 10.29 -19.44
C THR B 74 -14.75 11.37 -19.13
N VAL B 75 -14.94 11.63 -17.83
CA VAL B 75 -15.89 12.64 -17.38
C VAL B 75 -15.35 13.24 -16.07
N SER B 76 -15.30 14.56 -16.01
CA SER B 76 -14.82 15.29 -14.85
C SER B 76 -15.77 16.42 -14.48
N TYR B 77 -15.82 16.74 -13.20
CA TYR B 77 -16.68 17.80 -12.73
C TYR B 77 -16.07 18.41 -11.49
N ASP B 78 -16.03 19.73 -11.46
CA ASP B 78 -15.49 20.47 -10.34
C ASP B 78 -16.53 20.53 -9.24
N VAL B 79 -16.24 19.89 -8.11
CA VAL B 79 -17.15 19.88 -7.00
C VAL B 79 -16.42 19.72 -5.67
N ASP B 80 -16.76 20.57 -4.71
CA ASP B 80 -16.15 20.53 -3.40
C ASP B 80 -17.07 19.67 -2.53
N LEU B 81 -16.70 18.42 -2.35
CA LEU B 81 -17.47 17.46 -1.55
C LEU B 81 -17.73 17.80 -0.09
N ASP B 82 -17.00 18.78 0.44
CA ASP B 82 -17.17 19.20 1.83
C ASP B 82 -18.52 19.89 1.95
N ASN B 83 -18.94 20.53 0.87
CA ASN B 83 -20.20 21.25 0.87
C ASN B 83 -21.36 20.37 0.45
N VAL B 84 -21.08 19.23 -0.15
CA VAL B 84 -22.14 18.33 -0.59
C VAL B 84 -22.45 17.17 0.33
N LEU B 85 -21.41 16.47 0.77
CA LEU B 85 -21.57 15.32 1.65
C LEU B 85 -21.22 15.54 3.09
N PRO B 86 -21.77 14.70 3.98
CA PRO B 86 -21.47 14.82 5.40
C PRO B 86 -20.04 14.28 5.61
N GLU B 87 -19.47 14.56 6.77
CA GLU B 87 -18.13 14.13 7.14
C GLU B 87 -17.92 12.61 7.06
N TRP B 88 -18.91 11.86 7.50
CA TRP B 88 -18.86 10.41 7.48
C TRP B 88 -19.90 9.92 6.49
N VAL B 89 -19.48 9.03 5.61
CA VAL B 89 -20.34 8.48 4.58
C VAL B 89 -20.13 6.97 4.44
N ARG B 90 -20.79 6.40 3.45
CA ARG B 90 -20.66 4.98 3.16
C ARG B 90 -20.52 4.98 1.63
N VAL B 91 -19.76 4.02 1.12
CA VAL B 91 -19.56 3.93 -0.31
C VAL B 91 -20.08 2.60 -0.80
N GLY B 92 -20.62 2.61 -2.02
CA GLY B 92 -21.15 1.40 -2.60
C GLY B 92 -21.35 1.44 -4.11
N LEU B 93 -21.92 0.35 -4.62
CA LEU B 93 -22.20 0.19 -6.04
C LEU B 93 -23.69 -0.08 -6.10
N SER B 94 -24.32 0.42 -7.15
CA SER B 94 -25.76 0.24 -7.35
C SER B 94 -26.03 -0.11 -8.81
N ALA B 95 -27.12 -0.81 -9.05
CA ALA B 95 -27.49 -1.20 -10.41
C ALA B 95 -28.99 -1.45 -10.50
N SER B 96 -29.57 -1.29 -11.70
CA SER B 96 -31.00 -1.52 -11.88
C SER B 96 -31.37 -1.93 -13.30
N THR B 97 -32.59 -2.43 -13.45
CA THR B 97 -33.14 -2.88 -14.74
C THR B 97 -34.61 -2.41 -14.68
N GLY B 98 -35.28 -2.36 -15.83
CA GLY B 98 -36.67 -1.94 -15.88
C GLY B 98 -37.38 -2.77 -16.93
N LEU B 99 -37.92 -2.12 -17.96
CA LEU B 99 -38.61 -2.86 -19.01
C LEU B 99 -37.54 -3.67 -19.73
N TYR B 100 -36.34 -3.12 -19.79
CA TYR B 100 -35.21 -3.79 -20.44
C TYR B 100 -34.23 -4.19 -19.36
N LYS B 101 -33.42 -5.20 -19.67
CA LYS B 101 -32.43 -5.68 -18.72
C LYS B 101 -31.02 -5.90 -19.24
N GLU B 102 -30.17 -6.33 -18.32
CA GLU B 102 -28.77 -6.61 -18.55
C GLU B 102 -28.28 -7.14 -17.23
N THR B 103 -27.12 -7.78 -17.25
CA THR B 103 -26.54 -8.32 -16.04
C THR B 103 -25.69 -7.18 -15.51
N ASN B 104 -25.62 -7.01 -14.20
CA ASN B 104 -24.82 -5.95 -13.61
C ASN B 104 -23.83 -6.63 -12.68
N THR B 105 -23.00 -7.49 -13.28
CA THR B 105 -21.99 -8.26 -12.58
C THR B 105 -20.72 -7.49 -12.23
N ILE B 106 -20.32 -7.55 -10.97
CA ILE B 106 -19.13 -6.87 -10.50
C ILE B 106 -18.11 -7.98 -10.23
N LEU B 107 -16.96 -7.92 -10.92
CA LEU B 107 -15.91 -8.92 -10.76
C LEU B 107 -14.90 -8.52 -9.69
N SER B 108 -14.71 -7.23 -9.50
CA SER B 108 -13.77 -6.75 -8.50
C SER B 108 -14.12 -5.31 -8.15
N TRP B 109 -13.66 -4.85 -6.99
CA TRP B 109 -13.91 -3.50 -6.52
C TRP B 109 -12.90 -3.20 -5.42
N SER B 110 -12.23 -2.06 -5.54
CA SER B 110 -11.25 -1.67 -4.53
C SER B 110 -11.48 -0.18 -4.29
N PHE B 111 -11.13 0.26 -3.10
CA PHE B 111 -11.30 1.65 -2.73
C PHE B 111 -10.20 1.99 -1.74
N THR B 112 -9.69 3.22 -1.85
CA THR B 112 -8.63 3.72 -0.97
C THR B 112 -8.96 5.17 -0.68
N SER B 113 -8.89 5.54 0.58
CA SER B 113 -9.19 6.88 1.01
C SER B 113 -8.12 7.28 2.03
N LYS B 114 -7.66 8.53 1.93
CA LYS B 114 -6.65 9.08 2.82
C LYS B 114 -6.97 10.51 3.23
N LEU B 115 -6.68 10.81 4.50
CA LEU B 115 -6.91 12.11 5.08
C LEU B 115 -5.64 12.51 5.83
N LYS B 116 -5.06 13.63 5.43
CA LYS B 116 -3.85 14.10 6.07
C LYS B 116 -4.28 15.35 6.82
N SER B 117 -4.07 15.33 8.13
CA SER B 117 -4.43 16.45 9.00
C SER B 117 -3.17 17.29 9.29
N ASN B 118 -3.33 18.39 10.01
CA ASN B 118 -2.19 19.26 10.34
C ASN B 118 -1.17 18.64 11.30
N SER B 119 -0.44 17.64 10.83
CA SER B 119 0.58 16.96 11.64
C SER B 119 1.54 16.12 10.78
N THR B 120 2.71 15.84 11.32
CA THR B 120 3.74 15.06 10.63
C THR B 120 3.35 13.62 10.33
N HIS B 121 3.27 13.30 9.04
CA HIS B 121 2.91 11.96 8.55
C HIS B 121 1.61 11.44 9.16
N GLU B 122 0.89 12.29 9.88
CA GLU B 122 -0.36 11.87 10.48
C GLU B 122 -1.45 11.79 9.44
N THR B 123 -1.54 10.61 8.82
CA THR B 123 -2.52 10.34 7.81
C THR B 123 -3.34 9.18 8.30
N ASN B 124 -4.62 9.27 8.06
CA ASN B 124 -5.56 8.25 8.45
C ASN B 124 -5.94 7.69 7.09
N ALA B 125 -5.99 6.37 6.98
CA ALA B 125 -6.34 5.77 5.72
C ALA B 125 -7.21 4.54 5.83
N LEU B 126 -7.92 4.24 4.74
CA LEU B 126 -8.79 3.08 4.66
C LEU B 126 -8.60 2.54 3.27
N HIS B 127 -8.51 1.23 3.18
CA HIS B 127 -8.33 0.56 1.91
C HIS B 127 -8.89 -0.84 1.99
N PHE B 128 -9.64 -1.21 0.96
CA PHE B 128 -10.20 -2.55 0.90
C PHE B 128 -10.18 -2.90 -0.57
N MET B 129 -9.94 -4.18 -0.86
CA MET B 129 -9.88 -4.68 -2.21
C MET B 129 -10.61 -5.99 -2.30
N PHE B 130 -11.55 -6.07 -3.23
CA PHE B 130 -12.35 -7.27 -3.45
C PHE B 130 -12.11 -7.79 -4.84
N ASN B 131 -11.58 -9.01 -4.93
CA ASN B 131 -11.31 -9.66 -6.20
C ASN B 131 -12.23 -10.86 -6.29
N GLN B 132 -12.62 -11.36 -5.13
CA GLN B 132 -13.51 -12.50 -5.03
C GLN B 132 -14.57 -12.15 -4.00
N PHE B 133 -15.80 -12.55 -4.28
CA PHE B 133 -16.91 -12.29 -3.38
C PHE B 133 -17.40 -13.64 -2.87
N SER B 134 -17.54 -13.76 -1.56
CA SER B 134 -18.00 -15.01 -1.00
C SER B 134 -19.49 -15.01 -0.70
N LYS B 135 -20.02 -16.20 -0.48
CA LYS B 135 -21.42 -16.42 -0.18
C LYS B 135 -21.82 -15.68 1.08
N ASP B 136 -20.89 -15.62 2.03
CA ASP B 136 -21.13 -14.93 3.30
C ASP B 136 -20.11 -13.80 3.41
N GLN B 137 -20.36 -12.73 2.66
CA GLN B 137 -19.50 -11.54 2.62
C GLN B 137 -19.93 -10.57 3.72
N LYS B 138 -19.54 -10.84 4.96
CA LYS B 138 -19.91 -9.98 6.08
C LYS B 138 -19.52 -8.50 6.08
N ASP B 139 -18.46 -8.11 5.36
CA ASP B 139 -18.08 -6.71 5.36
C ASP B 139 -18.82 -5.89 4.32
N LEU B 140 -19.86 -6.47 3.74
CA LEU B 140 -20.67 -5.79 2.72
C LEU B 140 -22.13 -5.84 3.15
N ILE B 141 -22.83 -4.74 2.92
CA ILE B 141 -24.25 -4.62 3.25
C ILE B 141 -24.93 -4.72 1.89
N LEU B 142 -25.60 -5.84 1.66
CA LEU B 142 -26.30 -6.08 0.40
C LEU B 142 -27.74 -5.58 0.50
N GLN B 143 -28.15 -4.73 -0.44
CA GLN B 143 -29.49 -4.19 -0.45
C GLN B 143 -30.21 -4.61 -1.73
N GLY B 144 -31.54 -4.71 -1.64
CA GLY B 144 -32.33 -5.11 -2.80
C GLY B 144 -32.05 -6.51 -3.29
N ASP B 145 -31.85 -6.63 -4.59
CA ASP B 145 -31.58 -7.90 -5.24
C ASP B 145 -30.11 -8.29 -5.31
N ALA B 146 -29.22 -7.49 -4.73
CA ALA B 146 -27.79 -7.80 -4.76
C ALA B 146 -27.43 -9.11 -4.04
N THR B 147 -26.62 -9.97 -4.66
CA THR B 147 -26.17 -11.24 -4.09
C THR B 147 -24.69 -11.53 -4.43
N THR B 148 -24.01 -12.26 -3.55
CA THR B 148 -22.61 -12.60 -3.75
C THR B 148 -22.45 -14.12 -3.72
N GLY B 149 -21.35 -14.60 -4.27
CA GLY B 149 -21.11 -16.05 -4.28
C GLY B 149 -21.21 -16.69 -5.64
N THR B 150 -22.06 -16.15 -6.52
CA THR B 150 -22.22 -16.70 -7.85
C THR B 150 -20.94 -16.58 -8.69
N ASP B 151 -20.17 -17.67 -8.70
CA ASP B 151 -18.91 -17.73 -9.44
C ASP B 151 -17.92 -16.74 -8.82
N GLY B 152 -18.12 -16.43 -7.54
CA GLY B 152 -17.25 -15.50 -6.85
C GLY B 152 -17.49 -14.06 -7.23
N ASN B 153 -18.59 -13.79 -7.92
CA ASN B 153 -18.92 -12.44 -8.34
C ASN B 153 -20.04 -11.82 -7.53
N LEU B 154 -20.23 -10.51 -7.75
CA LEU B 154 -21.26 -9.73 -7.09
C LEU B 154 -22.30 -9.37 -8.13
N GLU B 155 -23.49 -9.97 -8.02
CA GLU B 155 -24.58 -9.72 -8.94
C GLU B 155 -25.48 -8.65 -8.29
N LEU B 156 -25.36 -7.41 -8.78
CA LEU B 156 -26.14 -6.30 -8.25
C LEU B 156 -27.62 -6.46 -8.48
N THR B 157 -28.00 -7.01 -9.63
CA THR B 157 -29.40 -7.21 -9.93
C THR B 157 -29.70 -8.69 -10.12
N ARG B 158 -30.98 -9.02 -10.06
CA ARG B 158 -31.44 -10.38 -10.21
C ARG B 158 -31.11 -11.05 -11.52
N VAL B 159 -30.46 -12.20 -11.42
CA VAL B 159 -30.05 -12.99 -12.58
C VAL B 159 -30.61 -14.39 -12.34
N SER B 160 -31.34 -14.92 -13.32
CA SER B 160 -31.92 -16.25 -13.19
C SER B 160 -30.87 -17.35 -12.98
N SER B 161 -31.33 -18.56 -12.69
CA SER B 161 -30.44 -19.69 -12.47
C SER B 161 -29.64 -20.00 -13.74
N ASN B 162 -30.30 -19.87 -14.90
CA ASN B 162 -29.65 -20.15 -16.19
C ASN B 162 -28.74 -18.98 -16.60
N GLY B 163 -28.77 -17.90 -15.85
CA GLY B 163 -27.94 -16.75 -16.15
C GLY B 163 -28.59 -15.52 -16.77
N SER B 164 -29.79 -15.67 -17.30
CA SER B 164 -30.47 -14.53 -17.91
C SER B 164 -30.85 -13.46 -16.90
N PRO B 165 -30.69 -12.17 -17.25
CA PRO B 165 -31.01 -11.01 -16.39
C PRO B 165 -32.51 -10.75 -16.27
N GLN B 166 -32.94 -10.32 -15.09
CA GLN B 166 -34.35 -10.03 -14.84
C GLN B 166 -34.64 -8.52 -14.87
N GLY B 167 -35.81 -8.17 -15.39
CA GLY B 167 -36.25 -6.79 -15.48
C GLY B 167 -36.80 -6.34 -14.14
N SER B 168 -36.95 -5.03 -13.95
CA SER B 168 -37.47 -4.49 -12.69
C SER B 168 -36.74 -5.16 -11.53
N SER B 169 -35.47 -4.80 -11.42
CA SER B 169 -34.60 -5.31 -10.38
C SER B 169 -33.68 -4.17 -9.94
N VAL B 170 -33.40 -4.11 -8.63
CA VAL B 170 -32.52 -3.08 -8.07
C VAL B 170 -31.65 -3.77 -7.04
N GLY B 171 -30.44 -3.28 -6.84
CA GLY B 171 -29.57 -3.88 -5.86
C GLY B 171 -28.35 -3.00 -5.65
N ARG B 172 -27.83 -3.04 -4.43
CA ARG B 172 -26.66 -2.26 -4.05
C ARG B 172 -25.80 -3.06 -3.09
N ALA B 173 -24.57 -2.62 -2.95
CA ALA B 173 -23.58 -3.22 -2.08
C ALA B 173 -22.81 -2.06 -1.50
N LEU B 174 -22.84 -1.93 -0.18
CA LEU B 174 -22.14 -0.85 0.50
C LEU B 174 -21.13 -1.48 1.41
N PHE B 175 -19.96 -0.84 1.54
CA PHE B 175 -18.94 -1.37 2.41
C PHE B 175 -19.45 -1.11 3.83
N TYR B 176 -19.28 -2.09 4.69
CA TYR B 176 -19.71 -2.06 6.06
C TYR B 176 -19.27 -0.90 6.97
N ALA B 177 -18.00 -0.53 6.93
CA ALA B 177 -17.55 0.56 7.77
C ALA B 177 -17.79 1.95 7.16
N PRO B 178 -18.10 2.94 8.01
CA PRO B 178 -18.33 4.31 7.52
C PRO B 178 -16.96 4.87 7.12
N VAL B 179 -16.95 5.70 6.08
CA VAL B 179 -15.73 6.31 5.59
C VAL B 179 -15.64 7.80 5.92
N HIS B 180 -14.51 8.24 6.49
CA HIS B 180 -14.34 9.64 6.81
C HIS B 180 -13.88 10.28 5.51
N ILE B 181 -14.84 10.79 4.75
CA ILE B 181 -14.54 11.41 3.47
C ILE B 181 -13.84 12.76 3.55
N TRP B 182 -14.06 13.50 4.63
CA TRP B 182 -13.40 14.80 4.75
C TRP B 182 -13.36 15.27 6.19
N GLU B 183 -12.57 16.32 6.42
CA GLU B 183 -12.42 16.90 7.74
C GLU B 183 -11.92 18.32 7.56
N SER B 184 -12.51 19.25 8.30
CA SER B 184 -12.13 20.66 8.23
C SER B 184 -10.63 20.95 8.38
N SER B 185 -9.95 20.23 9.28
CA SER B 185 -8.52 20.44 9.49
C SER B 185 -7.59 19.52 8.68
N ALA B 186 -8.09 19.02 7.56
CA ALA B 186 -7.30 18.14 6.70
C ALA B 186 -6.59 18.95 5.62
N VAL B 187 -5.28 18.72 5.48
CA VAL B 187 -4.45 19.41 4.48
C VAL B 187 -4.79 18.85 3.12
N VAL B 188 -4.84 17.53 3.04
CA VAL B 188 -5.16 16.85 1.81
C VAL B 188 -6.05 15.69 2.18
N ALA B 189 -6.96 15.36 1.27
CA ALA B 189 -7.90 14.28 1.43
C ALA B 189 -8.10 13.81 0.00
N SER B 190 -8.12 12.50 -0.17
CA SER B 190 -8.30 11.93 -1.49
C SER B 190 -8.89 10.55 -1.39
N PHE B 191 -9.44 10.10 -2.51
CA PHE B 191 -10.04 8.80 -2.59
C PHE B 191 -9.92 8.30 -4.02
N GLU B 192 -9.85 6.98 -4.13
CA GLU B 192 -9.73 6.31 -5.40
C GLU B 192 -10.62 5.06 -5.37
N ALA B 193 -11.38 4.87 -6.45
CA ALA B 193 -12.27 3.74 -6.59
C ALA B 193 -12.04 3.08 -7.93
N THR B 194 -12.02 1.75 -7.95
CA THR B 194 -11.82 0.97 -9.15
C THR B 194 -12.64 -0.31 -9.05
N PHE B 195 -13.35 -0.64 -10.13
CA PHE B 195 -14.16 -1.85 -10.17
C PHE B 195 -14.27 -2.29 -11.60
N THR B 196 -14.39 -3.59 -11.81
CA THR B 196 -14.51 -4.17 -13.15
C THR B 196 -15.90 -4.77 -13.19
N PHE B 197 -16.54 -4.65 -14.33
CA PHE B 197 -17.88 -5.15 -14.50
C PHE B 197 -18.12 -5.92 -15.79
N LEU B 198 -19.27 -6.55 -15.84
CA LEU B 198 -19.68 -7.33 -16.99
C LEU B 198 -21.18 -7.07 -17.23
N ILE B 199 -21.47 -6.26 -18.25
CA ILE B 199 -22.84 -5.93 -18.61
C ILE B 199 -23.17 -6.76 -19.85
N LYS B 200 -24.07 -7.72 -19.67
CA LYS B 200 -24.49 -8.60 -20.74
C LYS B 200 -25.99 -8.42 -20.91
N SER B 201 -26.43 -8.16 -22.14
CA SER B 201 -27.85 -7.97 -22.40
C SER B 201 -28.33 -8.81 -23.57
N PRO B 202 -29.27 -9.73 -23.33
CA PRO B 202 -29.82 -10.59 -24.37
C PRO B 202 -30.95 -9.92 -25.14
N ASP B 203 -31.73 -9.11 -24.44
CA ASP B 203 -32.85 -8.40 -25.04
C ASP B 203 -32.49 -7.23 -25.95
N SER B 204 -33.54 -6.60 -26.46
CA SER B 204 -33.46 -5.46 -27.37
C SER B 204 -32.46 -4.38 -27.02
N HIS B 205 -32.59 -3.78 -25.84
CA HIS B 205 -31.66 -2.73 -25.39
C HIS B 205 -31.19 -3.09 -24.00
N PRO B 206 -30.01 -2.58 -23.61
CA PRO B 206 -29.50 -2.88 -22.28
C PRO B 206 -30.07 -1.76 -21.42
N ALA B 207 -30.28 -2.05 -20.15
CA ALA B 207 -30.81 -1.07 -19.23
C ALA B 207 -30.68 -1.69 -17.85
N ASP B 208 -30.49 -0.87 -16.84
CA ASP B 208 -30.42 0.58 -16.98
C ASP B 208 -29.02 1.14 -16.69
N GLY B 209 -28.18 0.36 -16.03
CA GLY B 209 -26.83 0.82 -15.73
C GLY B 209 -26.33 0.48 -14.34
N ILE B 210 -25.08 0.87 -14.10
CA ILE B 210 -24.39 0.66 -12.83
C ILE B 210 -23.91 2.04 -12.37
N ALA B 211 -23.73 2.20 -11.06
CA ALA B 211 -23.27 3.48 -10.51
C ALA B 211 -22.47 3.26 -9.23
N PHE B 212 -21.43 4.09 -9.07
CA PHE B 212 -20.57 4.05 -7.89
C PHE B 212 -21.14 5.23 -7.11
N PHE B 213 -21.44 5.03 -5.83
CA PHE B 213 -21.99 6.14 -5.06
C PHE B 213 -21.44 6.30 -3.66
N ILE B 214 -21.59 7.52 -3.16
CA ILE B 214 -21.17 7.93 -1.83
C ILE B 214 -22.48 8.44 -1.23
N SER B 215 -22.77 8.05 0.00
CA SER B 215 -24.01 8.50 0.62
C SER B 215 -23.92 8.62 2.12
N ASN B 216 -25.02 9.05 2.72
CA ASN B 216 -25.09 9.19 4.15
C ASN B 216 -25.05 7.73 4.65
N ILE B 217 -24.41 7.51 5.79
CA ILE B 217 -24.28 6.18 6.37
C ILE B 217 -25.52 5.28 6.32
N ASP B 218 -26.66 5.83 6.71
CA ASP B 218 -27.93 5.09 6.73
C ASP B 218 -28.74 5.02 5.45
N SER B 219 -28.14 5.35 4.32
CA SER B 219 -28.84 5.30 3.05
C SER B 219 -29.39 3.90 2.74
N SER B 220 -30.51 3.87 2.02
CA SER B 220 -31.14 2.62 1.63
C SER B 220 -31.84 2.89 0.31
N ILE B 221 -32.17 1.84 -0.42
CA ILE B 221 -32.83 1.96 -1.71
C ILE B 221 -34.18 2.66 -1.60
N PRO B 222 -34.37 3.75 -2.36
CA PRO B 222 -35.65 4.47 -2.33
C PRO B 222 -36.76 3.57 -2.90
N SER B 223 -37.97 3.67 -2.37
CA SER B 223 -39.06 2.84 -2.86
C SER B 223 -39.30 3.13 -4.34
N GLY B 224 -39.47 2.07 -5.12
CA GLY B 224 -39.71 2.20 -6.55
C GLY B 224 -38.58 2.71 -7.43
N SER B 225 -37.36 2.73 -6.90
CA SER B 225 -36.22 3.20 -7.67
C SER B 225 -35.58 2.20 -8.64
N THR B 226 -36.40 1.41 -9.34
CA THR B 226 -35.87 0.45 -10.31
C THR B 226 -35.71 1.30 -11.60
N GLY B 227 -35.39 0.66 -12.71
CA GLY B 227 -35.24 1.41 -13.96
C GLY B 227 -34.31 2.60 -13.94
N ARG B 228 -34.71 3.67 -14.63
CA ARG B 228 -33.94 4.92 -14.74
C ARG B 228 -33.43 5.60 -13.47
N LEU B 229 -33.94 5.20 -12.31
CA LEU B 229 -33.50 5.80 -11.06
C LEU B 229 -32.25 5.18 -10.44
N LEU B 230 -31.78 4.11 -11.08
CA LEU B 230 -30.58 3.37 -10.65
C LEU B 230 -30.45 2.93 -9.20
N GLY B 231 -31.58 2.89 -8.49
CA GLY B 231 -31.60 2.47 -7.10
C GLY B 231 -30.99 3.53 -6.21
N LEU B 232 -30.88 4.75 -6.72
CA LEU B 232 -30.30 5.84 -5.95
C LEU B 232 -31.21 7.02 -5.65
N PHE B 233 -32.06 7.33 -6.62
CA PHE B 233 -32.96 8.46 -6.46
C PHE B 233 -34.43 8.07 -6.33
N PRO B 234 -35.19 8.86 -5.55
CA PRO B 234 -36.63 8.67 -5.31
C PRO B 234 -37.47 9.17 -6.49
N ASP B 235 -36.94 10.15 -7.21
CA ASP B 235 -37.65 10.70 -8.34
C ASP B 235 -36.68 11.21 -9.41
N ALA B 236 -37.24 11.76 -10.48
CA ALA B 236 -36.45 12.29 -11.58
C ALA B 236 -36.24 13.79 -11.46
N ASN B 237 -36.20 14.28 -10.22
CA ASN B 237 -36.00 15.69 -9.95
C ASN B 237 -34.54 16.01 -10.27
N ALA C 1 33.64 -13.70 -4.73
CA ALA C 1 32.48 -14.53 -5.16
C ALA C 1 31.19 -13.87 -4.69
N ASP C 2 30.08 -14.25 -5.31
CA ASP C 2 28.76 -13.70 -4.97
C ASP C 2 28.17 -14.44 -3.77
N THR C 3 27.35 -13.73 -2.99
CA THR C 3 26.70 -14.32 -1.82
C THR C 3 25.26 -14.48 -2.31
N ILE C 4 24.82 -15.73 -2.44
CA ILE C 4 23.48 -16.03 -2.91
C ILE C 4 22.53 -16.79 -1.97
N VAL C 5 21.32 -16.25 -1.84
CA VAL C 5 20.24 -16.81 -1.02
C VAL C 5 19.10 -16.86 -2.05
N ALA C 6 18.66 -18.06 -2.39
CA ALA C 6 17.60 -18.21 -3.36
C ALA C 6 16.60 -19.28 -3.00
N VAL C 7 15.43 -19.19 -3.63
CA VAL C 7 14.35 -20.13 -3.44
C VAL C 7 14.22 -20.68 -4.86
N GLU C 8 14.51 -21.97 -5.00
CA GLU C 8 14.44 -22.60 -6.29
C GLU C 8 13.21 -23.42 -6.57
N LEU C 9 12.81 -23.40 -7.83
CA LEU C 9 11.67 -24.12 -8.34
C LEU C 9 12.42 -25.03 -9.32
N ASP C 10 12.98 -26.09 -8.77
CA ASP C 10 13.75 -27.09 -9.50
C ASP C 10 12.94 -28.17 -10.21
N THR C 11 12.84 -28.02 -11.53
CA THR C 11 12.09 -28.94 -12.38
C THR C 11 12.82 -30.19 -12.82
N TYR C 12 14.14 -30.24 -12.62
CA TYR C 12 14.92 -31.40 -13.02
C TYR C 12 15.79 -31.98 -11.90
N PRO C 13 15.51 -33.21 -11.46
CA PRO C 13 16.32 -33.79 -10.40
C PRO C 13 17.70 -34.26 -10.85
N ASN C 14 18.73 -33.73 -10.19
CA ASN C 14 20.12 -34.07 -10.48
C ASN C 14 20.50 -34.73 -9.17
N THR C 15 20.04 -35.95 -8.98
CA THR C 15 20.31 -36.71 -7.75
C THR C 15 21.77 -36.80 -7.40
N ASP C 16 22.63 -36.70 -8.43
CA ASP C 16 24.08 -36.77 -8.27
C ASP C 16 24.67 -35.60 -7.49
N ILE C 17 24.01 -34.44 -7.54
CA ILE C 17 24.50 -33.28 -6.80
C ILE C 17 23.65 -32.97 -5.60
N GLY C 18 22.89 -33.96 -5.14
CA GLY C 18 22.04 -33.77 -3.99
C GLY C 18 20.56 -33.53 -4.20
N ASP C 19 20.11 -33.44 -5.44
CA ASP C 19 18.68 -33.20 -5.69
C ASP C 19 17.85 -34.39 -5.30
N PRO C 20 16.61 -34.12 -4.89
CA PRO C 20 15.68 -35.20 -4.50
C PRO C 20 15.33 -35.87 -5.82
N SER C 21 14.83 -37.08 -5.76
CA SER C 21 14.47 -37.82 -6.96
C SER C 21 13.21 -37.36 -7.67
N TYR C 22 12.81 -36.10 -7.47
CA TYR C 22 11.61 -35.56 -8.10
C TYR C 22 11.64 -34.06 -8.07
N PRO C 23 10.81 -33.42 -8.90
CA PRO C 23 10.74 -31.94 -8.95
C PRO C 23 10.51 -31.46 -7.52
N HIS C 24 11.05 -30.30 -7.20
CA HIS C 24 10.90 -29.79 -5.86
C HIS C 24 11.20 -28.30 -5.78
N ILE C 25 10.95 -27.75 -4.59
CA ILE C 25 11.22 -26.35 -4.34
C ILE C 25 12.21 -26.43 -3.18
N GLY C 26 13.16 -25.50 -3.14
CA GLY C 26 14.14 -25.52 -2.09
C GLY C 26 14.69 -24.17 -1.73
N ILE C 27 15.33 -24.10 -0.58
CA ILE C 27 15.93 -22.90 -0.06
C ILE C 27 17.43 -23.10 -0.16
N ASP C 28 18.07 -22.29 -1.01
CA ASP C 28 19.51 -22.36 -1.23
C ASP C 28 20.26 -21.25 -0.51
N ILE C 29 21.18 -21.63 0.38
CA ILE C 29 21.98 -20.67 1.13
C ILE C 29 23.45 -20.86 0.72
N LYS C 30 23.88 -20.02 -0.21
CA LYS C 30 25.24 -20.03 -0.75
C LYS C 30 25.69 -21.31 -1.45
N SER C 31 24.74 -22.18 -1.77
CA SER C 31 25.07 -23.42 -2.45
C SER C 31 23.84 -23.92 -3.19
N VAL C 32 24.05 -24.64 -4.29
CA VAL C 32 22.97 -25.19 -5.09
C VAL C 32 22.31 -26.39 -4.37
N ARG C 33 22.98 -26.91 -3.36
CA ARG C 33 22.47 -28.03 -2.58
C ARG C 33 21.60 -27.41 -1.50
N SER C 34 20.31 -27.31 -1.79
CA SER C 34 19.33 -26.73 -0.87
C SER C 34 19.40 -27.20 0.57
N LYS C 35 19.28 -26.26 1.48
CA LYS C 35 19.33 -26.57 2.90
C LYS C 35 17.99 -27.23 3.25
N LYS C 36 17.00 -27.02 2.40
CA LYS C 36 15.68 -27.56 2.60
C LYS C 36 14.91 -27.62 1.28
N THR C 37 14.19 -28.72 1.06
CA THR C 37 13.39 -28.93 -0.15
C THR C 37 12.03 -29.55 0.19
N ALA C 38 11.12 -29.53 -0.77
CA ALA C 38 9.80 -30.08 -0.61
C ALA C 38 9.36 -30.53 -1.98
N LYS C 39 8.65 -31.65 -2.04
CA LYS C 39 8.17 -32.20 -3.29
C LYS C 39 7.22 -31.19 -3.93
N TRP C 40 7.40 -30.97 -5.22
CA TRP C 40 6.57 -30.03 -5.96
C TRP C 40 5.99 -30.71 -7.18
N ASN C 41 4.68 -30.70 -7.28
CA ASN C 41 4.01 -31.33 -8.40
C ASN C 41 3.82 -30.29 -9.49
N MET C 42 4.92 -30.03 -10.19
CA MET C 42 4.94 -29.06 -11.27
C MET C 42 3.96 -29.48 -12.36
N GLN C 43 3.26 -28.51 -12.92
CA GLN C 43 2.30 -28.79 -13.96
C GLN C 43 2.76 -28.13 -15.26
N ASN C 44 3.14 -28.97 -16.21
CA ASN C 44 3.61 -28.55 -17.52
C ASN C 44 2.57 -27.73 -18.30
N GLY C 45 2.95 -26.52 -18.69
CA GLY C 45 2.05 -25.66 -19.44
C GLY C 45 1.05 -24.82 -18.65
N LYS C 46 1.08 -24.93 -17.33
CA LYS C 46 0.15 -24.16 -16.52
C LYS C 46 0.79 -23.00 -15.76
N VAL C 47 0.05 -21.90 -15.65
CA VAL C 47 0.54 -20.71 -14.95
C VAL C 47 0.44 -20.97 -13.46
N GLY C 48 1.56 -20.81 -12.77
CA GLY C 48 1.58 -21.02 -11.35
C GLY C 48 2.00 -19.77 -10.64
N THR C 49 1.93 -19.82 -9.32
CA THR C 49 2.29 -18.69 -8.51
C THR C 49 3.20 -19.09 -7.35
N ALA C 50 4.16 -18.23 -7.08
CA ALA C 50 5.11 -18.42 -6.02
C ALA C 50 5.03 -17.23 -5.10
N HIS C 51 5.11 -17.49 -3.81
CA HIS C 51 5.05 -16.47 -2.80
C HIS C 51 6.17 -16.78 -1.81
N ILE C 52 7.04 -15.81 -1.56
CA ILE C 52 8.16 -15.96 -0.62
C ILE C 52 8.03 -14.86 0.43
N ILE C 53 8.25 -15.21 1.69
CA ILE C 53 8.14 -14.23 2.77
C ILE C 53 9.22 -14.46 3.81
N TYR C 54 9.60 -13.38 4.50
CA TYR C 54 10.61 -13.41 5.53
C TYR C 54 10.46 -12.19 6.42
N ASN C 55 10.75 -12.37 7.72
CA ASN C 55 10.67 -11.31 8.70
C ASN C 55 11.73 -11.63 9.75
N SER C 56 12.37 -10.58 10.23
CA SER C 56 13.43 -10.67 11.21
C SER C 56 13.02 -11.12 12.61
N VAL C 57 11.71 -11.15 12.89
CA VAL C 57 11.25 -11.57 14.21
C VAL C 57 11.36 -13.07 14.32
N ASP C 58 10.86 -13.76 13.32
CA ASP C 58 10.88 -15.21 13.29
C ASP C 58 12.18 -15.75 12.68
N LYS C 59 12.82 -14.95 11.83
CA LYS C 59 14.07 -15.35 11.17
C LYS C 59 13.85 -16.72 10.52
N ARG C 60 12.83 -16.76 9.68
CA ARG C 60 12.44 -17.95 8.96
C ARG C 60 12.05 -17.48 7.56
N LEU C 61 12.57 -18.18 6.56
CA LEU C 61 12.30 -17.88 5.15
C LEU C 61 11.37 -18.97 4.65
N SER C 62 10.19 -18.58 4.18
CA SER C 62 9.20 -19.52 3.66
C SER C 62 8.74 -19.23 2.25
N ALA C 63 8.30 -20.27 1.58
CA ALA C 63 7.82 -20.12 0.22
C ALA C 63 6.72 -21.13 -0.03
N VAL C 64 5.76 -20.71 -0.87
CA VAL C 64 4.62 -21.53 -1.25
C VAL C 64 4.53 -21.39 -2.76
N VAL C 65 4.35 -22.51 -3.44
CA VAL C 65 4.24 -22.50 -4.89
C VAL C 65 2.95 -23.29 -5.16
N SER C 66 2.06 -22.73 -5.96
CA SER C 66 0.82 -23.43 -6.26
C SER C 66 0.24 -23.11 -7.61
N TYR C 67 -0.70 -23.95 -8.02
CA TYR C 67 -1.40 -23.80 -9.28
C TYR C 67 -2.86 -23.74 -8.86
N PRO C 68 -3.69 -23.05 -9.64
CA PRO C 68 -5.11 -22.96 -9.29
C PRO C 68 -5.75 -24.34 -9.20
N ASN C 69 -6.63 -24.52 -8.22
CA ASN C 69 -7.34 -25.79 -7.97
C ASN C 69 -6.37 -26.94 -7.81
N ALA C 70 -5.24 -26.67 -7.15
CA ALA C 70 -4.23 -27.69 -6.93
C ALA C 70 -3.60 -27.43 -5.59
N ASP C 71 -3.10 -28.49 -4.96
CA ASP C 71 -2.47 -28.40 -3.65
C ASP C 71 -1.13 -27.66 -3.83
N SER C 72 -0.73 -26.90 -2.82
CA SER C 72 0.52 -26.15 -2.89
C SER C 72 1.69 -26.86 -2.23
N ALA C 73 2.89 -26.43 -2.61
CA ALA C 73 4.13 -27.00 -2.07
C ALA C 73 4.66 -25.88 -1.18
N THR C 74 5.00 -26.21 0.04
CA THR C 74 5.52 -25.24 0.99
C THR C 74 6.87 -25.68 1.49
N VAL C 75 7.74 -24.72 1.74
CA VAL C 75 9.08 -25.01 2.24
C VAL C 75 9.48 -23.81 3.08
N SER C 76 10.03 -24.09 4.26
CA SER C 76 10.46 -23.08 5.20
C SER C 76 11.80 -23.48 5.82
N TYR C 77 12.63 -22.50 6.13
CA TYR C 77 13.94 -22.76 6.72
C TYR C 77 14.32 -21.61 7.64
N ASP C 78 14.81 -21.95 8.82
CA ASP C 78 15.20 -20.96 9.80
C ASP C 78 16.56 -20.40 9.43
N VAL C 79 16.63 -19.11 9.16
CA VAL C 79 17.90 -18.50 8.78
C VAL C 79 17.92 -17.00 9.08
N ASP C 80 18.99 -16.55 9.72
CA ASP C 80 19.12 -15.14 10.04
C ASP C 80 19.91 -14.51 8.90
N LEU C 81 19.21 -13.83 7.99
CA LEU C 81 19.86 -13.20 6.85
C LEU C 81 20.88 -12.14 7.16
N ASP C 82 20.88 -11.64 8.40
CA ASP C 82 21.83 -10.62 8.82
C ASP C 82 23.23 -11.22 8.82
N ASN C 83 23.28 -12.51 9.09
CA ASN C 83 24.54 -13.23 9.14
C ASN C 83 24.95 -13.82 7.81
N VAL C 84 24.05 -13.82 6.84
CA VAL C 84 24.35 -14.38 5.53
C VAL C 84 24.57 -13.35 4.43
N LEU C 85 23.64 -12.41 4.33
CA LEU C 85 23.72 -11.38 3.32
C LEU C 85 24.24 -10.03 3.76
N PRO C 86 24.68 -9.19 2.80
CA PRO C 86 25.17 -7.85 3.14
C PRO C 86 23.93 -6.98 3.46
N GLU C 87 24.16 -5.80 4.02
CA GLU C 87 23.11 -4.88 4.37
C GLU C 87 22.31 -4.40 3.14
N TRP C 88 23.01 -4.21 2.03
CA TRP C 88 22.42 -3.75 0.76
C TRP C 88 22.59 -4.89 -0.24
N VAL C 89 21.50 -5.29 -0.85
CA VAL C 89 21.49 -6.37 -1.84
C VAL C 89 20.67 -5.96 -3.07
N ARG C 90 20.47 -6.90 -3.98
CA ARG C 90 19.70 -6.66 -5.19
C ARG C 90 18.87 -7.94 -5.26
N VAL C 91 17.64 -7.83 -5.73
CA VAL C 91 16.78 -8.99 -5.82
C VAL C 91 16.50 -9.27 -7.29
N GLY C 92 16.34 -10.55 -7.64
CA GLY C 92 16.07 -10.90 -9.02
C GLY C 92 15.50 -12.29 -9.24
N LEU C 93 15.27 -12.60 -10.50
CA LEU C 93 14.74 -13.89 -10.92
C LEU C 93 15.78 -14.48 -11.86
N SER C 94 16.00 -15.78 -11.73
CA SER C 94 16.97 -16.51 -12.54
C SER C 94 16.37 -17.81 -13.08
N ALA C 95 16.84 -18.26 -14.23
CA ALA C 95 16.35 -19.49 -14.83
C ALA C 95 17.40 -20.08 -15.77
N SER C 96 17.32 -21.38 -16.02
CA SER C 96 18.28 -22.04 -16.91
C SER C 96 17.73 -23.29 -17.54
N THR C 97 18.39 -23.73 -18.61
CA THR C 97 18.04 -24.93 -19.35
C THR C 97 19.40 -25.63 -19.57
N GLY C 98 19.40 -26.93 -19.81
CA GLY C 98 20.65 -27.63 -20.01
C GLY C 98 20.43 -28.51 -21.22
N LEU C 99 20.58 -29.81 -21.06
CA LEU C 99 20.36 -30.70 -22.17
C LEU C 99 18.85 -30.68 -22.42
N TYR C 100 18.09 -30.56 -21.33
CA TYR C 100 16.65 -30.51 -21.45
C TYR C 100 16.18 -29.07 -21.30
N LYS C 101 15.04 -28.75 -21.89
CA LYS C 101 14.50 -27.41 -21.82
C LYS C 101 13.04 -27.25 -21.39
N GLU C 102 12.66 -25.99 -21.18
CA GLU C 102 11.32 -25.59 -20.77
C GLU C 102 11.37 -24.08 -20.93
N THR C 103 10.21 -23.43 -21.00
CA THR C 103 10.17 -21.97 -21.13
C THR C 103 10.19 -21.50 -19.69
N ASN C 104 10.82 -20.38 -19.42
CA ASN C 104 10.88 -19.84 -18.06
C ASN C 104 10.31 -18.44 -18.12
N THR C 105 9.04 -18.38 -18.50
CA THR C 105 8.29 -17.16 -18.65
C THR C 105 7.76 -16.62 -17.32
N ILE C 106 7.92 -15.32 -17.12
CA ILE C 106 7.47 -14.64 -15.93
C ILE C 106 6.37 -13.69 -16.40
N LEU C 107 5.16 -13.88 -15.87
CA LEU C 107 4.01 -13.05 -16.22
C LEU C 107 3.86 -11.83 -15.34
N SER C 108 4.35 -11.93 -14.11
CA SER C 108 4.26 -10.82 -13.16
C SER C 108 5.25 -11.05 -12.02
N TRP C 109 5.61 -9.96 -11.36
CA TRP C 109 6.55 -10.02 -10.25
C TRP C 109 6.37 -8.76 -9.39
N SER C 110 6.25 -8.95 -8.08
CA SER C 110 6.09 -7.82 -7.17
C SER C 110 6.96 -8.14 -5.97
N PHE C 111 7.41 -7.09 -5.29
CA PHE C 111 8.26 -7.23 -4.13
C PHE C 111 7.97 -6.03 -3.23
N THR C 112 8.03 -6.27 -1.93
CA THR C 112 7.79 -5.25 -0.92
C THR C 112 8.75 -5.52 0.23
N SER C 113 9.45 -4.47 0.65
CA SER C 113 10.40 -4.59 1.73
C SER C 113 10.17 -3.42 2.67
N LYS C 114 10.24 -3.69 3.97
CA LYS C 114 10.05 -2.68 5.01
C LYS C 114 11.06 -2.87 6.13
N LEU C 115 11.56 -1.72 6.61
CA LEU C 115 12.53 -1.65 7.69
C LEU C 115 12.07 -0.61 8.69
N LYS C 116 11.88 -1.05 9.92
CA LYS C 116 11.44 -0.15 10.96
C LYS C 116 12.62 0.02 11.90
N SER C 117 13.06 1.27 12.08
CA SER C 117 14.17 1.58 12.96
C SER C 117 13.62 2.13 14.28
N ASN C 118 14.48 2.24 15.30
CA ASN C 118 14.04 2.74 16.61
C ASN C 118 13.47 4.16 16.63
N SER C 119 12.25 4.32 16.11
CA SER C 119 11.57 5.62 16.08
C SER C 119 10.10 5.49 15.68
N THR C 120 9.31 6.50 16.03
CA THR C 120 7.87 6.54 15.74
C THR C 120 7.54 6.55 14.24
N HIS C 121 6.83 5.51 13.80
CA HIS C 121 6.43 5.35 12.41
C HIS C 121 7.60 5.44 11.42
N GLU C 122 8.82 5.47 11.95
CA GLU C 122 9.99 5.56 11.08
C GLU C 122 10.27 4.25 10.37
N THR C 123 9.58 4.08 9.24
CA THR C 123 9.70 2.92 8.42
C THR C 123 10.10 3.36 7.03
N ASN C 124 11.09 2.69 6.50
CA ASN C 124 11.59 2.96 5.17
C ASN C 124 11.01 1.79 4.40
N ALA C 125 10.46 2.04 3.22
CA ALA C 125 9.88 0.95 2.44
C ALA C 125 10.13 1.05 0.95
N LEU C 126 10.11 -0.12 0.32
CA LEU C 126 10.32 -0.22 -1.12
C LEU C 126 9.29 -1.19 -1.64
N HIS C 127 8.67 -0.82 -2.74
CA HIS C 127 7.68 -1.68 -3.33
C HIS C 127 7.62 -1.47 -4.81
N PHE C 128 7.54 -2.55 -5.56
CA PHE C 128 7.46 -2.47 -7.00
C PHE C 128 6.57 -3.62 -7.44
N MET C 129 5.79 -3.38 -8.49
CA MET C 129 4.91 -4.40 -9.01
C MET C 129 4.94 -4.38 -10.51
N PHE C 130 5.24 -5.53 -11.11
CA PHE C 130 5.31 -5.69 -12.56
C PHE C 130 4.26 -6.69 -13.00
N ASN C 131 3.36 -6.25 -13.87
CA ASN C 131 2.31 -7.09 -14.39
C ASN C 131 2.51 -7.16 -15.88
N GLN C 132 3.21 -6.17 -16.40
CA GLN C 132 3.48 -6.10 -17.81
C GLN C 132 4.95 -5.68 -17.94
N PHE C 133 5.65 -6.32 -18.86
CA PHE C 133 7.05 -5.99 -19.08
C PHE C 133 7.14 -5.39 -20.46
N SER C 134 7.79 -4.23 -20.57
CA SER C 134 7.93 -3.58 -21.86
C SER C 134 9.23 -3.92 -22.53
N LYS C 135 9.32 -3.56 -23.80
CA LYS C 135 10.49 -3.79 -24.64
C LYS C 135 11.71 -3.05 -24.10
N ASP C 136 11.47 -1.89 -23.51
CA ASP C 136 12.53 -1.08 -22.94
C ASP C 136 12.24 -0.90 -21.47
N GLN C 137 12.46 -1.95 -20.69
CA GLN C 137 12.23 -1.97 -19.25
C GLN C 137 13.46 -1.44 -18.53
N LYS C 138 13.65 -0.13 -18.51
CA LYS C 138 14.81 0.47 -17.85
C LYS C 138 15.06 0.22 -16.36
N ASP C 139 14.04 -0.18 -15.61
CA ASP C 139 14.24 -0.42 -14.17
C ASP C 139 14.63 -1.85 -13.84
N LEU C 140 14.95 -2.62 -14.88
CA LEU C 140 15.37 -4.01 -14.75
C LEU C 140 16.72 -4.22 -15.43
N ILE C 141 17.57 -5.00 -14.76
CA ILE C 141 18.90 -5.31 -15.27
C ILE C 141 18.77 -6.74 -15.78
N LEU C 142 18.75 -6.87 -17.11
CA LEU C 142 18.63 -8.17 -17.75
C LEU C 142 20.03 -8.75 -18.00
N GLN C 143 20.22 -9.99 -17.57
CA GLN C 143 21.50 -10.67 -17.72
C GLN C 143 21.32 -11.94 -18.51
N GLY C 144 22.34 -12.32 -19.26
CA GLY C 144 22.26 -13.53 -20.06
C GLY C 144 21.25 -13.46 -21.18
N ASP C 145 20.45 -14.51 -21.31
CA ASP C 145 19.43 -14.59 -22.33
C ASP C 145 18.06 -13.98 -21.99
N ALA C 146 17.92 -13.37 -20.82
CA ALA C 146 16.67 -12.75 -20.41
C ALA C 146 16.24 -11.60 -21.31
N THR C 147 14.97 -11.59 -21.72
CA THR C 147 14.41 -10.54 -22.58
C THR C 147 12.98 -10.18 -22.18
N THR C 148 12.60 -8.93 -22.41
CA THR C 148 11.26 -8.45 -22.08
C THR C 148 10.55 -7.98 -23.34
N GLY C 149 9.22 -7.86 -23.27
CA GLY C 149 8.47 -7.40 -24.41
C GLY C 149 7.64 -8.44 -25.13
N THR C 150 8.13 -9.67 -25.20
CA THR C 150 7.39 -10.75 -25.87
C THR C 150 6.06 -10.95 -25.19
N ASP C 151 5.02 -10.40 -25.80
CA ASP C 151 3.65 -10.49 -25.30
C ASP C 151 3.56 -9.84 -23.92
N GLY C 152 4.45 -8.90 -23.64
CA GLY C 152 4.48 -8.21 -22.36
C GLY C 152 5.00 -9.07 -21.22
N ASN C 153 5.68 -10.16 -21.58
CA ASN C 153 6.22 -11.08 -20.60
C ASN C 153 7.73 -11.02 -20.52
N LEU C 154 8.26 -11.60 -19.45
CA LEU C 154 9.70 -11.64 -19.20
C LEU C 154 10.15 -13.09 -19.48
N GLU C 155 10.98 -13.25 -20.51
CA GLU C 155 11.49 -14.57 -20.88
C GLU C 155 12.90 -14.69 -20.34
N LEU C 156 13.03 -15.37 -19.21
CA LEU C 156 14.32 -15.57 -18.58
C LEU C 156 15.33 -16.30 -19.45
N THR C 157 14.87 -17.33 -20.15
CA THR C 157 15.74 -18.10 -21.01
C THR C 157 15.33 -17.92 -22.47
N ARG C 158 16.22 -18.34 -23.37
CA ARG C 158 16.03 -18.24 -24.81
C ARG C 158 14.88 -19.07 -25.37
N VAL C 159 14.01 -18.39 -26.10
CA VAL C 159 12.85 -19.02 -26.74
C VAL C 159 12.95 -18.60 -28.19
N SER C 160 12.91 -19.57 -29.12
CA SER C 160 13.00 -19.24 -30.54
C SER C 160 11.78 -18.47 -31.03
N SER C 161 11.85 -17.95 -32.24
CA SER C 161 10.73 -17.19 -32.83
C SER C 161 9.46 -18.02 -32.89
N ASN C 162 9.59 -19.32 -33.18
CA ASN C 162 8.43 -20.21 -33.26
C ASN C 162 7.95 -20.63 -31.86
N GLY C 163 8.39 -19.88 -30.84
CA GLY C 163 7.99 -20.18 -29.47
C GLY C 163 8.57 -21.37 -28.73
N SER C 164 9.48 -22.10 -29.36
CA SER C 164 10.07 -23.26 -28.68
C SER C 164 11.26 -22.88 -27.79
N PRO C 165 11.37 -23.52 -26.62
CA PRO C 165 12.46 -23.27 -25.66
C PRO C 165 13.81 -23.88 -26.11
N GLN C 166 14.89 -23.13 -25.88
CA GLN C 166 16.24 -23.54 -26.25
C GLN C 166 17.02 -24.12 -25.05
N GLY C 167 17.91 -25.07 -25.33
CA GLY C 167 18.73 -25.71 -24.31
C GLY C 167 19.99 -24.89 -24.02
N SER C 168 20.69 -25.19 -22.94
CA SER C 168 21.91 -24.47 -22.55
C SER C 168 21.75 -22.96 -22.54
N SER C 169 20.69 -22.49 -21.88
CA SER C 169 20.37 -21.07 -21.78
C SER C 169 20.31 -20.63 -20.32
N VAL C 170 20.68 -19.38 -20.06
CA VAL C 170 20.66 -18.81 -18.70
C VAL C 170 20.28 -17.35 -18.83
N GLY C 171 19.53 -16.87 -17.85
CA GLY C 171 19.10 -15.49 -17.88
C GLY C 171 18.61 -15.07 -16.52
N ARG C 172 18.77 -13.79 -16.22
CA ARG C 172 18.35 -13.21 -14.96
C ARG C 172 17.84 -11.81 -15.17
N ALA C 173 17.06 -11.33 -14.19
CA ALA C 173 16.50 -10.00 -14.23
C ALA C 173 16.63 -9.56 -12.79
N LEU C 174 17.28 -8.43 -12.59
CA LEU C 174 17.48 -7.91 -11.24
C LEU C 174 16.87 -6.55 -11.23
N PHE C 175 16.17 -6.21 -10.14
CA PHE C 175 15.56 -4.89 -10.06
C PHE C 175 16.76 -3.93 -9.96
N TYR C 176 16.66 -2.80 -10.67
CA TYR C 176 17.70 -1.78 -10.71
C TYR C 176 18.22 -1.18 -9.42
N ALA C 177 17.34 -0.83 -8.49
CA ALA C 177 17.77 -0.23 -7.24
C ALA C 177 18.19 -1.21 -6.16
N PRO C 178 19.28 -0.90 -5.41
CA PRO C 178 19.76 -1.77 -4.33
C PRO C 178 18.72 -1.73 -3.23
N VAL C 179 18.52 -2.87 -2.58
CA VAL C 179 17.55 -3.01 -1.50
C VAL C 179 18.22 -3.14 -0.14
N HIS C 180 17.79 -2.34 0.82
CA HIS C 180 18.36 -2.37 2.17
C HIS C 180 17.62 -3.51 2.84
N ILE C 181 18.21 -4.69 2.78
CA ILE C 181 17.59 -5.86 3.37
C ILE C 181 17.61 -5.94 4.90
N TRP C 182 18.50 -5.21 5.54
CA TRP C 182 18.55 -5.24 7.00
C TRP C 182 19.40 -4.10 7.54
N GLU C 183 19.27 -3.85 8.84
CA GLU C 183 20.02 -2.79 9.49
C GLU C 183 20.13 -3.16 10.95
N SER C 184 21.32 -3.00 11.53
CA SER C 184 21.55 -3.33 12.93
C SER C 184 20.57 -2.72 13.94
N SER C 185 20.07 -1.52 13.64
CA SER C 185 19.13 -0.84 14.52
C SER C 185 17.65 -0.92 14.11
N ALA C 186 17.30 -1.97 13.37
CA ALA C 186 15.92 -2.13 12.92
C ALA C 186 15.15 -3.03 13.90
N VAL C 187 13.96 -2.56 14.29
CA VAL C 187 13.11 -3.31 15.23
C VAL C 187 12.52 -4.46 14.45
N VAL C 188 11.97 -4.14 13.28
CA VAL C 188 11.38 -5.16 12.43
C VAL C 188 11.83 -4.87 11.01
N ALA C 189 12.00 -5.93 10.24
CA ALA C 189 12.43 -5.86 8.85
C ALA C 189 11.74 -7.06 8.22
N SER C 190 11.16 -6.86 7.06
CA SER C 190 10.48 -7.95 6.37
C SER C 190 10.42 -7.70 4.89
N PHE C 191 10.20 -8.77 4.14
CA PHE C 191 10.09 -8.67 2.70
C PHE C 191 9.13 -9.73 2.22
N GLU C 192 8.51 -9.43 1.09
CA GLU C 192 7.54 -10.28 0.46
C GLU C 192 7.79 -10.26 -1.03
N ALA C 193 7.81 -11.43 -1.66
CA ALA C 193 8.04 -11.54 -3.10
C ALA C 193 6.96 -12.43 -3.69
N THR C 194 6.45 -12.04 -4.84
CA THR C 194 5.41 -12.79 -5.52
C THR C 194 5.61 -12.72 -7.02
N PHE C 195 5.49 -13.85 -7.71
CA PHE C 195 5.64 -13.85 -9.15
C PHE C 195 4.86 -15.01 -9.72
N THR C 196 4.36 -14.82 -10.94
CA THR C 196 3.59 -15.87 -11.60
C THR C 196 4.46 -16.30 -12.77
N PHE C 197 4.47 -17.60 -13.05
CA PHE C 197 5.27 -18.14 -14.13
C PHE C 197 4.54 -19.15 -14.99
N LEU C 198 5.16 -19.48 -16.12
CA LEU C 198 4.61 -20.43 -17.07
C LEU C 198 5.79 -21.28 -17.58
N ILE C 199 5.85 -22.52 -17.09
CA ILE C 199 6.88 -23.48 -17.47
C ILE C 199 6.23 -24.46 -18.44
N LYS C 200 6.65 -24.38 -19.69
CA LYS C 200 6.13 -25.24 -20.74
C LYS C 200 7.31 -26.02 -21.32
N SER C 201 7.16 -27.33 -21.42
CA SER C 201 8.22 -28.16 -21.94
C SER C 201 7.73 -29.17 -22.97
N PRO C 202 8.16 -29.00 -24.23
CA PRO C 202 7.77 -29.89 -25.34
C PRO C 202 8.56 -31.21 -25.37
N ASP C 203 9.81 -31.16 -24.93
CA ASP C 203 10.67 -32.33 -24.91
C ASP C 203 10.42 -33.31 -23.77
N SER C 204 11.25 -34.35 -23.72
CA SER C 204 11.19 -35.42 -22.73
C SER C 204 11.01 -35.01 -21.26
N HIS C 205 11.94 -34.23 -20.75
CA HIS C 205 11.88 -33.76 -19.37
C HIS C 205 12.05 -32.25 -19.32
N PRO C 206 11.41 -31.59 -18.35
CA PRO C 206 11.55 -30.14 -18.24
C PRO C 206 12.85 -29.93 -17.45
N ALA C 207 13.50 -28.80 -17.70
CA ALA C 207 14.75 -28.47 -17.02
C ALA C 207 15.07 -27.03 -17.40
N ASP C 208 15.74 -26.32 -16.52
CA ASP C 208 16.17 -26.84 -15.22
C ASP C 208 15.45 -26.23 -14.02
N GLY C 209 14.79 -25.10 -14.24
CA GLY C 209 14.07 -24.43 -13.17
C GLY C 209 14.19 -22.92 -13.13
N ILE C 210 13.46 -22.33 -12.19
CA ILE C 210 13.43 -20.88 -11.98
C ILE C 210 13.78 -20.67 -10.52
N ALA C 211 14.39 -19.53 -10.20
CA ALA C 211 14.75 -19.23 -8.82
C ALA C 211 14.67 -17.75 -8.51
N PHE C 212 14.20 -17.43 -7.30
CA PHE C 212 14.07 -16.05 -6.84
C PHE C 212 15.36 -15.95 -6.02
N PHE C 213 16.14 -14.89 -6.20
CA PHE C 213 17.37 -14.76 -5.44
C PHE C 213 17.65 -13.37 -4.94
N ILE C 214 18.46 -13.32 -3.88
CA ILE C 214 18.90 -12.09 -3.24
C ILE C 214 20.42 -12.21 -3.34
N SER C 215 21.08 -11.15 -3.77
CA SER C 215 22.52 -11.21 -3.91
C SER C 215 23.22 -9.91 -3.64
N ASN C 216 24.54 -9.96 -3.75
CA ASN C 216 25.36 -8.78 -3.55
C ASN C 216 24.98 -7.94 -4.79
N ILE C 217 25.00 -6.63 -4.62
CA ILE C 217 24.66 -5.68 -5.66
C ILE C 217 25.28 -5.91 -7.04
N ASP C 218 26.56 -6.21 -7.06
CA ASP C 218 27.26 -6.44 -8.31
C ASP C 218 27.25 -7.86 -8.84
N SER C 219 26.34 -8.69 -8.36
CA SER C 219 26.28 -10.07 -8.83
C SER C 219 26.03 -10.18 -10.34
N SER C 220 26.61 -11.22 -10.94
CA SER C 220 26.47 -11.48 -12.35
C SER C 220 26.42 -13.00 -12.53
N ILE C 221 25.93 -13.45 -13.68
CA ILE C 221 25.84 -14.87 -13.94
C ILE C 221 27.24 -15.50 -13.97
N PRO C 222 27.47 -16.53 -13.16
CA PRO C 222 28.79 -17.19 -13.16
C PRO C 222 28.95 -17.81 -14.54
N SER C 223 30.16 -17.81 -15.09
CA SER C 223 30.35 -18.39 -16.42
C SER C 223 30.09 -19.88 -16.38
N GLY C 224 29.38 -20.37 -17.40
CA GLY C 224 29.06 -21.77 -17.51
C GLY C 224 27.98 -22.33 -16.59
N SER C 225 27.30 -21.49 -15.83
CA SER C 225 26.26 -21.96 -14.92
C SER C 225 24.88 -22.28 -15.53
N THR C 226 24.87 -22.91 -16.70
CA THR C 226 23.61 -23.27 -17.35
C THR C 226 23.18 -24.55 -16.65
N GLY C 227 22.21 -25.26 -17.20
CA GLY C 227 21.75 -26.48 -16.58
C GLY C 227 21.49 -26.39 -15.09
N ARG C 228 21.78 -27.46 -14.37
CA ARG C 228 21.59 -27.59 -12.93
C ARG C 228 22.07 -26.46 -12.04
N LEU C 229 22.88 -25.53 -12.55
CA LEU C 229 23.39 -24.43 -11.74
C LEU C 229 22.47 -23.23 -11.60
N LEU C 230 21.35 -23.27 -12.32
CA LEU C 230 20.32 -22.23 -12.33
C LEU C 230 20.76 -20.78 -12.56
N GLY C 231 21.97 -20.59 -13.07
CA GLY C 231 22.51 -19.25 -13.34
C GLY C 231 22.89 -18.52 -12.07
N LEU C 232 22.97 -19.27 -10.99
CA LEU C 232 23.31 -18.71 -9.68
C LEU C 232 24.63 -19.15 -9.07
N PHE C 233 25.01 -20.39 -9.30
CA PHE C 233 26.26 -20.91 -8.74
C PHE C 233 27.31 -21.31 -9.77
N PRO C 234 28.58 -21.09 -9.44
CA PRO C 234 29.71 -21.43 -10.32
C PRO C 234 30.02 -22.94 -10.34
N ASP C 235 29.65 -23.65 -9.27
CA ASP C 235 29.89 -25.09 -9.19
C ASP C 235 28.79 -25.72 -8.36
N ALA C 236 28.80 -27.05 -8.28
CA ALA C 236 27.80 -27.79 -7.52
C ALA C 236 28.23 -28.13 -6.11
N ASN C 237 29.11 -27.32 -5.53
CA ASN C 237 29.56 -27.59 -4.17
C ASN C 237 28.59 -26.99 -3.16
N ALA D 1 20.89 18.95 -23.27
CA ALA D 1 20.40 19.65 -22.05
C ALA D 1 19.36 18.78 -21.37
N ASP D 2 19.20 18.96 -20.06
CA ASP D 2 18.23 18.17 -19.30
C ASP D 2 16.80 18.71 -19.47
N THR D 3 15.81 17.83 -19.41
CA THR D 3 14.40 18.22 -19.53
C THR D 3 13.93 18.22 -18.08
N ILE D 4 13.63 19.40 -17.55
CA ILE D 4 13.19 19.54 -16.17
C ILE D 4 11.76 20.01 -15.94
N VAL D 5 11.07 19.34 -15.03
CA VAL D 5 9.68 19.65 -14.62
C VAL D 5 9.87 19.62 -13.10
N ALA D 6 9.69 20.77 -12.46
CA ALA D 6 9.84 20.86 -11.01
C ALA D 6 8.86 21.75 -10.30
N VAL D 7 8.68 21.48 -9.02
CA VAL D 7 7.79 22.25 -8.17
C VAL D 7 8.77 22.89 -7.19
N GLU D 8 8.91 24.21 -7.32
CA GLU D 8 9.82 24.92 -6.45
C GLU D 8 9.17 25.56 -5.23
N LEU D 9 9.95 25.57 -4.15
CA LEU D 9 9.58 26.15 -2.88
C LEU D 9 10.67 27.23 -2.83
N ASP D 10 10.38 28.35 -3.51
CA ASP D 10 11.25 29.52 -3.62
C ASP D 10 11.15 30.47 -2.44
N THR D 11 12.18 30.47 -1.60
CA THR D 11 12.26 31.30 -0.41
C THR D 11 12.86 32.67 -0.63
N TYR D 12 13.53 32.85 -1.77
CA TYR D 12 14.14 34.14 -2.07
C TYR D 12 13.68 34.72 -3.40
N PRO D 13 12.93 35.85 -3.36
CA PRO D 13 12.45 36.44 -4.61
C PRO D 13 13.54 37.17 -5.39
N ASN D 14 13.74 36.74 -6.64
CA ASN D 14 14.73 37.32 -7.53
C ASN D 14 13.84 37.96 -8.56
N THR D 15 13.36 39.15 -8.23
CA THR D 15 12.47 39.87 -9.13
C THR D 15 13.10 40.17 -10.49
N ASP D 16 14.43 40.32 -10.52
CA ASP D 16 15.10 40.59 -11.78
C ASP D 16 15.02 39.47 -12.83
N ILE D 17 14.56 38.27 -12.42
CA ILE D 17 14.43 37.16 -13.36
C ILE D 17 13.00 36.64 -13.41
N GLY D 18 12.06 37.46 -12.97
CA GLY D 18 10.68 37.04 -13.00
C GLY D 18 10.02 36.49 -11.75
N ASP D 19 10.74 36.44 -10.64
CA ASP D 19 10.19 35.94 -9.40
C ASP D 19 9.24 36.96 -8.82
N PRO D 20 8.17 36.48 -8.16
CA PRO D 20 7.23 37.43 -7.57
C PRO D 20 8.04 38.07 -6.43
N SER D 21 7.56 39.18 -5.90
CA SER D 21 8.27 39.87 -4.82
C SER D 21 8.04 39.29 -3.41
N TYR D 22 7.74 38.01 -3.33
CA TYR D 22 7.50 37.38 -2.04
C TYR D 22 7.80 35.91 -2.18
N PRO D 23 8.04 35.22 -1.05
CA PRO D 23 8.32 33.78 -1.10
C PRO D 23 7.13 33.18 -1.83
N HIS D 24 7.38 32.13 -2.59
CA HIS D 24 6.31 31.49 -3.32
C HIS D 24 6.66 30.06 -3.71
N ILE D 25 5.64 29.36 -4.20
CA ILE D 25 5.82 27.99 -4.62
C ILE D 25 5.46 28.08 -6.10
N GLY D 26 6.12 27.29 -6.93
CA GLY D 26 5.80 27.36 -8.34
C GLY D 26 5.99 26.08 -9.11
N ILE D 27 5.45 26.07 -10.31
CA ILE D 27 5.54 24.93 -11.20
C ILE D 27 6.44 25.40 -12.36
N ASP D 28 7.62 24.78 -12.45
CA ASP D 28 8.61 25.07 -13.47
C ASP D 28 8.63 24.01 -14.54
N ILE D 29 8.42 24.42 -15.79
CA ILE D 29 8.42 23.48 -16.90
C ILE D 29 9.53 23.95 -17.83
N LYS D 30 10.69 23.30 -17.71
CA LYS D 30 11.87 23.59 -18.52
C LYS D 30 12.48 24.98 -18.38
N SER D 31 12.09 25.71 -17.35
CA SER D 31 12.63 27.05 -17.17
C SER D 31 12.44 27.46 -15.72
N VAL D 32 13.34 28.30 -15.23
CA VAL D 32 13.29 28.77 -13.86
C VAL D 32 12.17 29.79 -13.63
N ARG D 33 11.60 30.29 -14.73
CA ARG D 33 10.53 31.26 -14.66
C ARG D 33 9.26 30.42 -14.65
N SER D 34 8.76 30.14 -13.44
CA SER D 34 7.55 29.34 -13.24
C SER D 34 6.36 29.72 -14.10
N LYS D 35 5.69 28.71 -14.62
CA LYS D 35 4.52 28.91 -15.44
C LYS D 35 3.38 29.31 -14.50
N LYS D 36 3.54 28.99 -13.22
CA LYS D 36 2.53 29.30 -12.23
C LYS D 36 3.12 29.34 -10.82
N THR D 37 2.77 30.37 -10.06
CA THR D 37 3.25 30.53 -8.69
C THR D 37 2.10 30.89 -7.76
N ALA D 38 2.36 30.82 -6.45
CA ALA D 38 1.38 31.15 -5.43
C ALA D 38 2.17 31.65 -4.25
N LYS D 39 1.62 32.65 -3.55
CA LYS D 39 2.28 33.23 -2.39
C LYS D 39 2.44 32.15 -1.33
N TRP D 40 3.61 32.09 -0.71
CA TRP D 40 3.90 31.09 0.32
C TRP D 40 4.42 31.74 1.58
N ASN D 41 3.74 31.56 2.69
CA ASN D 41 4.19 32.14 3.94
C ASN D 41 5.11 31.15 4.60
N MET D 42 6.36 31.16 4.19
CA MET D 42 7.38 30.27 4.73
C MET D 42 7.69 30.60 6.19
N GLN D 43 7.78 29.57 7.02
CA GLN D 43 8.07 29.74 8.44
C GLN D 43 9.46 29.24 8.79
N ASN D 44 10.34 30.20 9.04
CA ASN D 44 11.73 29.97 9.38
C ASN D 44 11.89 29.10 10.62
N GLY D 45 12.61 27.99 10.47
CA GLY D 45 12.85 27.09 11.57
C GLY D 45 11.79 26.04 11.85
N LYS D 46 10.69 26.07 11.10
CA LYS D 46 9.62 25.10 11.30
C LYS D 46 9.55 24.00 10.23
N VAL D 47 9.21 22.79 10.66
CA VAL D 47 9.10 21.64 9.77
C VAL D 47 7.80 21.79 8.97
N GLY D 48 7.92 21.72 7.65
CA GLY D 48 6.77 21.84 6.80
C GLY D 48 6.58 20.59 6.00
N THR D 49 5.47 20.54 5.26
CA THR D 49 5.14 19.40 4.42
C THR D 49 4.68 19.84 3.05
N ALA D 50 5.18 19.15 2.03
CA ALA D 50 4.85 19.42 0.65
C ALA D 50 4.27 18.15 0.04
N HIS D 51 3.18 18.32 -0.71
CA HIS D 51 2.49 17.20 -1.36
C HIS D 51 2.26 17.62 -2.81
N ILE D 52 2.69 16.77 -3.74
CA ILE D 52 2.55 17.00 -5.18
C ILE D 52 1.81 15.80 -5.74
N ILE D 53 0.91 16.07 -6.67
CA ILE D 53 0.11 15.03 -7.31
C ILE D 53 -0.16 15.33 -8.78
N TYR D 54 -0.35 14.25 -9.53
CA TYR D 54 -0.63 14.35 -10.95
C TYR D 54 -1.25 13.05 -11.41
N ASN D 55 -2.15 13.17 -12.40
CA ASN D 55 -2.85 12.04 -13.00
C ASN D 55 -3.16 12.43 -14.46
N SER D 56 -3.03 11.45 -15.34
CA SER D 56 -3.26 11.61 -16.77
C SER D 56 -4.71 11.85 -17.22
N VAL D 57 -5.65 11.74 -16.28
CA VAL D 57 -7.06 11.95 -16.61
C VAL D 57 -7.32 13.43 -16.67
N ASP D 58 -6.86 14.14 -15.64
CA ASP D 58 -7.03 15.58 -15.57
C ASP D 58 -5.87 16.35 -16.21
N LYS D 59 -4.69 15.72 -16.25
CA LYS D 59 -3.48 16.31 -16.82
C LYS D 59 -3.25 17.68 -16.19
N ARG D 60 -3.19 17.65 -14.87
CA ARG D 60 -3.00 18.82 -14.05
C ARG D 60 -2.02 18.47 -12.95
N LEU D 61 -1.04 19.34 -12.73
CA LEU D 61 -0.02 19.14 -11.71
C LEU D 61 -0.33 20.10 -10.58
N SER D 62 -0.54 19.57 -9.38
CA SER D 62 -0.84 20.41 -8.23
C SER D 62 0.07 20.13 -7.06
N ALA D 63 0.20 21.14 -6.21
CA ALA D 63 1.03 21.01 -5.04
C ALA D 63 0.46 21.88 -3.94
N VAL D 64 0.67 21.40 -2.71
CA VAL D 64 0.22 22.05 -1.48
C VAL D 64 1.38 21.97 -0.53
N VAL D 65 1.68 23.11 0.10
CA VAL D 65 2.77 23.18 1.06
C VAL D 65 2.15 23.82 2.30
N SER D 66 2.31 23.17 3.44
CA SER D 66 1.77 23.70 4.68
C SER D 66 2.56 23.37 5.93
N TYR D 67 2.28 24.16 6.96
CA TYR D 67 2.92 24.01 8.25
C TYR D 67 1.76 23.68 9.18
N PRO D 68 2.04 22.95 10.28
CA PRO D 68 0.97 22.60 11.22
C PRO D 68 0.31 23.86 11.76
N ASN D 69 -1.01 23.82 11.87
CA ASN D 69 -1.76 24.95 12.38
C ASN D 69 -1.35 26.19 11.61
N ALA D 70 -1.56 26.14 10.31
CA ALA D 70 -1.22 27.23 9.44
C ALA D 70 -1.95 27.01 8.12
N ASP D 71 -2.19 28.10 7.39
CA ASP D 71 -2.89 27.99 6.12
C ASP D 71 -1.88 27.51 5.07
N SER D 72 -2.35 26.65 4.18
CA SER D 72 -1.50 26.10 3.13
C SER D 72 -1.44 26.96 1.88
N ALA D 73 -0.44 26.68 1.05
CA ALA D 73 -0.24 27.39 -0.20
C ALA D 73 -0.47 26.31 -1.25
N THR D 74 -1.31 26.63 -2.22
CA THR D 74 -1.64 25.70 -3.27
C THR D 74 -1.31 26.29 -4.63
N VAL D 75 -0.87 25.44 -5.55
CA VAL D 75 -0.53 25.85 -6.90
C VAL D 75 -0.83 24.67 -7.84
N SER D 76 -1.51 24.96 -8.94
CA SER D 76 -1.88 23.95 -9.92
C SER D 76 -1.61 24.47 -11.34
N TYR D 77 -1.27 23.58 -12.26
CA TYR D 77 -1.00 23.96 -13.62
C TYR D 77 -1.38 22.81 -14.53
N ASP D 78 -2.12 23.13 -15.58
CA ASP D 78 -2.56 22.14 -16.56
C ASP D 78 -1.41 21.84 -17.51
N VAL D 79 -0.91 20.61 -17.46
CA VAL D 79 0.19 20.19 -18.31
C VAL D 79 0.18 18.68 -18.58
N ASP D 80 0.33 18.31 -19.84
CA ASP D 80 0.35 16.90 -20.21
C ASP D 80 1.82 16.49 -20.26
N LEU D 81 2.26 15.80 -19.23
CA LEU D 81 3.64 15.35 -19.13
C LEU D 81 4.16 14.40 -20.22
N ASP D 82 3.26 13.86 -21.04
CA ASP D 82 3.64 12.96 -22.12
C ASP D 82 4.31 13.76 -23.20
N ASN D 83 3.96 15.04 -23.29
CA ASN D 83 4.52 15.91 -24.30
C ASN D 83 5.75 16.66 -23.81
N VAL D 84 5.97 16.66 -22.51
CA VAL D 84 7.12 17.36 -21.94
C VAL D 84 8.28 16.48 -21.53
N LEU D 85 7.97 15.38 -20.86
CA LEU D 85 9.00 14.45 -20.39
C LEU D 85 9.13 13.18 -21.17
N PRO D 86 10.30 12.54 -21.08
CA PRO D 86 10.48 11.28 -21.79
C PRO D 86 9.70 10.18 -21.02
N GLU D 87 9.54 9.04 -21.64
CA GLU D 87 8.84 7.91 -21.05
C GLU D 87 9.44 7.43 -19.71
N TRP D 88 10.78 7.41 -19.66
CA TRP D 88 11.52 7.00 -18.46
C TRP D 88 12.23 8.23 -17.91
N VAL D 89 12.09 8.45 -16.62
CA VAL D 89 12.69 9.60 -15.95
C VAL D 89 13.28 9.17 -14.59
N ARG D 90 13.76 10.15 -13.85
CA ARG D 90 14.33 9.94 -12.52
C ARG D 90 13.72 11.08 -11.71
N VAL D 91 13.38 10.81 -10.45
CA VAL D 91 12.80 11.84 -9.60
C VAL D 91 13.77 12.16 -8.48
N GLY D 92 13.74 13.41 -8.03
CA GLY D 92 14.61 13.83 -6.95
C GLY D 92 14.24 15.16 -6.32
N LEU D 93 15.07 15.53 -5.36
CA LEU D 93 14.93 16.78 -4.60
C LEU D 93 16.20 17.57 -4.84
N SER D 94 16.05 18.88 -4.97
CA SER D 94 17.17 19.78 -5.21
C SER D 94 17.06 21.01 -4.30
N ALA D 95 18.18 21.63 -3.97
CA ALA D 95 18.21 22.82 -3.12
C ALA D 95 19.48 23.61 -3.37
N SER D 96 19.43 24.91 -3.09
CA SER D 96 20.60 25.77 -3.28
C SER D 96 20.60 26.98 -2.37
N THR D 97 21.77 27.61 -2.26
CA THR D 97 21.98 28.82 -1.44
C THR D 97 22.90 29.65 -2.32
N GLY D 98 23.04 30.93 -2.00
CA GLY D 98 23.89 31.80 -2.79
C GLY D 98 24.56 32.76 -1.85
N LEU D 99 24.25 34.05 -2.00
CA LEU D 99 24.82 35.05 -1.11
C LEU D 99 24.15 34.84 0.24
N TYR D 100 22.87 34.46 0.20
CA TYR D 100 22.12 34.22 1.42
C TYR D 100 21.95 32.71 1.56
N LYS D 101 21.73 32.26 2.79
CA LYS D 101 21.57 30.85 3.02
C LYS D 101 20.46 30.42 3.94
N GLU D 102 20.32 29.10 4.05
CA GLU D 102 19.32 28.46 4.88
C GLU D 102 19.66 26.99 4.81
N THR D 103 19.11 26.22 5.73
CA THR D 103 19.35 24.79 5.74
C THR D 103 18.27 24.24 4.84
N ASN D 104 18.58 23.22 4.07
CA ASN D 104 17.60 22.62 3.18
C ASN D 104 17.53 21.14 3.58
N THR D 105 17.11 20.93 4.81
CA THR D 105 16.97 19.62 5.43
C THR D 105 15.69 18.91 5.08
N ILE D 106 15.82 17.66 4.64
CA ILE D 106 14.69 16.83 4.27
C ILE D 106 14.60 15.75 5.37
N LEU D 107 13.45 15.70 6.05
CA LEU D 107 13.23 14.73 7.11
C LEU D 107 12.61 13.43 6.61
N SER D 108 11.88 13.51 5.51
CA SER D 108 11.24 12.35 4.93
C SER D 108 10.86 12.66 3.48
N TRP D 109 10.66 11.59 2.71
CA TRP D 109 10.29 11.71 1.31
C TRP D 109 9.72 10.38 0.85
N SER D 110 8.57 10.42 0.21
CA SER D 110 7.93 9.21 -0.29
C SER D 110 7.44 9.52 -1.69
N PHE D 111 7.32 8.48 -2.52
CA PHE D 111 6.86 8.65 -3.88
C PHE D 111 6.15 7.37 -4.28
N THR D 112 5.06 7.54 -5.03
CA THR D 112 4.23 6.44 -5.52
C THR D 112 3.83 6.79 -6.95
N SER D 113 4.04 5.84 -7.86
CA SER D 113 3.72 6.00 -9.26
C SER D 113 3.00 4.73 -9.72
N LYS D 114 1.93 4.91 -10.49
CA LYS D 114 1.14 3.81 -11.02
C LYS D 114 0.76 4.02 -12.47
N LEU D 115 0.82 2.93 -13.23
CA LEU D 115 0.50 2.93 -14.66
C LEU D 115 -0.44 1.75 -14.92
N LYS D 116 -1.58 2.04 -15.50
CA LYS D 116 -2.53 1.00 -15.80
C LYS D 116 -2.65 1.04 -17.31
N SER D 117 -2.34 -0.08 -17.96
CA SER D 117 -2.42 -0.18 -19.42
C SER D 117 -3.73 -0.87 -19.80
N ASN D 118 -3.92 -1.21 -21.07
CA ASN D 118 -5.16 -1.87 -21.49
C ASN D 118 -5.27 -3.35 -21.08
N SER D 119 -5.45 -3.62 -19.79
CA SER D 119 -5.59 -4.98 -19.29
C SER D 119 -6.16 -5.06 -17.87
N THR D 120 -6.77 -6.21 -17.55
CA THR D 120 -7.37 -6.45 -16.25
C THR D 120 -6.39 -6.41 -15.07
N HIS D 121 -6.63 -5.49 -14.14
CA HIS D 121 -5.80 -5.28 -12.96
C HIS D 121 -4.32 -5.17 -13.28
N GLU D 122 -3.99 -5.04 -14.56
CA GLU D 122 -2.61 -4.92 -14.94
C GLU D 122 -2.10 -3.51 -14.70
N THR D 123 -1.53 -3.35 -13.51
CA THR D 123 -0.98 -2.08 -13.08
C THR D 123 0.47 -2.34 -12.69
N ASN D 124 1.32 -1.42 -13.10
CA ASN D 124 2.73 -1.51 -12.79
C ASN D 124 2.87 -0.39 -11.81
N ALA D 125 3.52 -0.66 -10.68
CA ALA D 125 3.68 0.38 -9.68
C ALA D 125 5.05 0.42 -9.02
N LEU D 126 5.39 1.60 -8.52
CA LEU D 126 6.66 1.84 -7.83
C LEU D 126 6.34 2.72 -6.64
N HIS D 127 6.88 2.36 -5.49
CA HIS D 127 6.67 3.12 -4.28
C HIS D 127 7.87 2.96 -3.39
N PHE D 128 8.33 4.07 -2.83
CA PHE D 128 9.47 4.07 -1.92
C PHE D 128 9.15 5.12 -0.87
N MET D 129 9.55 4.84 0.37
CA MET D 129 9.31 5.76 1.47
C MET D 129 10.55 5.87 2.33
N PHE D 130 11.00 7.11 2.52
CA PHE D 130 12.17 7.39 3.32
C PHE D 130 11.80 8.24 4.50
N ASN D 131 11.97 7.69 5.70
CA ASN D 131 11.68 8.41 6.93
C ASN D 131 13.01 8.64 7.62
N GLN D 132 13.97 7.80 7.29
CA GLN D 132 15.31 7.88 7.85
C GLN D 132 16.30 7.72 6.71
N PHE D 133 17.38 8.48 6.76
CA PHE D 133 18.42 8.44 5.75
C PHE D 133 19.69 7.98 6.44
N SER D 134 20.30 6.94 5.90
CA SER D 134 21.51 6.42 6.48
C SER D 134 22.74 6.98 5.81
N LYS D 135 23.86 6.81 6.49
CA LYS D 135 25.18 7.27 6.04
C LYS D 135 25.54 6.68 4.68
N ASP D 136 25.16 5.42 4.45
CA ASP D 136 25.42 4.74 3.21
C ASP D 136 24.06 4.41 2.58
N GLN D 137 23.42 5.42 2.01
CA GLN D 137 22.11 5.29 1.37
C GLN D 137 22.33 4.90 -0.08
N LYS D 138 22.52 3.61 -0.35
CA LYS D 138 22.75 3.17 -1.73
C LYS D 138 21.67 3.36 -2.80
N ASP D 139 20.39 3.44 -2.42
CA ASP D 139 19.35 3.61 -3.40
C ASP D 139 19.09 5.07 -3.78
N LEU D 140 20.01 5.95 -3.40
CA LEU D 140 19.88 7.37 -3.71
C LEU D 140 21.19 7.81 -4.37
N ILE D 141 21.06 8.72 -5.34
CA ILE D 141 22.21 9.25 -6.06
C ILE D 141 22.32 10.66 -5.54
N LEU D 142 23.37 10.92 -4.77
CA LEU D 142 23.61 12.22 -4.18
C LEU D 142 24.51 13.03 -5.09
N GLN D 143 24.05 14.23 -5.45
CA GLN D 143 24.80 15.12 -6.31
C GLN D 143 25.13 16.44 -5.60
N GLY D 144 26.28 17.00 -5.96
CA GLY D 144 26.71 18.24 -5.35
C GLY D 144 27.06 18.11 -3.89
N ASP D 145 26.50 19.01 -3.09
CA ASP D 145 26.71 19.06 -1.65
C ASP D 145 25.78 18.20 -0.79
N ALA D 146 24.84 17.48 -1.41
CA ALA D 146 23.91 16.65 -0.67
C ALA D 146 24.57 15.51 0.11
N THR D 147 24.17 15.34 1.37
CA THR D 147 24.70 14.29 2.24
C THR D 147 23.59 13.72 3.12
N THR D 148 23.75 12.47 3.52
CA THR D 148 22.77 11.78 4.36
C THR D 148 23.49 11.23 5.61
N GLY D 149 22.72 10.93 6.66
CA GLY D 149 23.31 10.41 7.88
C GLY D 149 23.26 11.39 9.04
N THR D 150 23.37 12.69 8.75
CA THR D 150 23.34 13.72 9.78
C THR D 150 21.99 13.67 10.53
N ASP D 151 21.98 13.01 11.69
CA ASP D 151 20.79 12.88 12.51
C ASP D 151 19.72 12.10 11.74
N GLY D 152 20.17 11.33 10.74
CA GLY D 152 19.25 10.54 9.94
C GLY D 152 18.48 11.36 8.92
N ASN D 153 18.95 12.57 8.67
CA ASN D 153 18.31 13.46 7.72
C ASN D 153 19.10 13.61 6.43
N LEU D 154 18.48 14.24 5.44
CA LEU D 154 19.07 14.49 4.14
C LEU D 154 19.36 15.99 4.04
N GLU D 155 20.64 16.34 4.04
CA GLU D 155 21.05 17.74 3.94
C GLU D 155 21.38 18.02 2.48
N LEU D 156 20.46 18.63 1.75
CA LEU D 156 20.69 18.93 0.36
C LEU D 156 21.84 19.88 0.13
N THR D 157 22.01 20.85 1.02
CA THR D 157 23.10 21.79 0.87
C THR D 157 24.03 21.74 2.06
N ARG D 158 25.21 22.30 1.85
CA ARG D 158 26.24 22.34 2.86
C ARG D 158 25.89 23.02 4.18
N VAL D 159 26.06 22.27 5.26
CA VAL D 159 25.79 22.76 6.61
C VAL D 159 27.04 22.42 7.44
N SER D 160 27.43 23.31 8.34
CA SER D 160 28.60 23.09 9.16
C SER D 160 28.35 22.16 10.37
N SER D 161 29.41 21.97 11.16
CA SER D 161 29.38 21.12 12.36
C SER D 161 28.40 21.65 13.40
N ASN D 162 28.40 22.97 13.58
CA ASN D 162 27.51 23.60 14.55
C ASN D 162 26.09 23.70 13.98
N GLY D 163 25.91 23.20 12.77
CA GLY D 163 24.60 23.25 12.15
C GLY D 163 24.27 24.42 11.25
N SER D 164 25.11 25.45 11.19
CA SER D 164 24.84 26.61 10.36
C SER D 164 25.00 26.34 8.87
N PRO D 165 24.11 26.92 8.05
CA PRO D 165 24.11 26.77 6.58
C PRO D 165 25.21 27.55 5.86
N GLN D 166 25.72 26.99 4.75
CA GLN D 166 26.77 27.62 3.97
C GLN D 166 26.19 28.20 2.68
N GLY D 167 26.73 29.33 2.23
CA GLY D 167 26.26 29.99 1.02
C GLY D 167 26.90 29.34 -0.19
N SER D 168 26.40 29.67 -1.38
CA SER D 168 26.92 29.11 -2.64
C SER D 168 27.05 27.59 -2.55
N SER D 169 25.93 26.93 -2.31
CA SER D 169 25.88 25.48 -2.18
C SER D 169 24.73 24.97 -3.04
N VAL D 170 24.88 23.76 -3.60
CA VAL D 170 23.87 23.11 -4.42
C VAL D 170 23.97 21.64 -4.14
N GLY D 171 22.83 20.96 -4.17
CA GLY D 171 22.81 19.55 -3.90
C GLY D 171 21.50 18.96 -4.34
N ARG D 172 21.54 17.68 -4.71
CA ARG D 172 20.36 16.96 -5.15
C ARG D 172 20.44 15.50 -4.72
N ALA D 173 19.28 14.88 -4.71
CA ALA D 173 19.16 13.48 -4.34
C ALA D 173 18.15 12.96 -5.33
N LEU D 174 18.54 11.93 -6.08
CA LEU D 174 17.69 11.30 -7.08
C LEU D 174 17.54 9.83 -6.66
N PHE D 175 16.35 9.28 -6.84
CA PHE D 175 16.14 7.89 -6.48
C PHE D 175 16.87 7.13 -7.57
N TYR D 176 17.52 6.06 -7.13
CA TYR D 176 18.31 5.21 -7.98
C TYR D 176 17.68 4.59 -9.21
N ALA D 177 16.47 4.06 -9.08
CA ALA D 177 15.80 3.44 -10.23
C ALA D 177 15.04 4.41 -11.14
N PRO D 178 15.10 4.17 -12.47
CA PRO D 178 14.38 5.04 -13.40
C PRO D 178 12.87 4.79 -13.19
N VAL D 179 12.06 5.83 -13.36
CA VAL D 179 10.62 5.76 -13.19
C VAL D 179 9.87 5.87 -14.52
N HIS D 180 8.96 4.93 -14.78
CA HIS D 180 8.17 4.95 -16.01
C HIS D 180 7.04 5.91 -15.71
N ILE D 181 7.26 7.17 -16.06
CA ILE D 181 6.28 8.19 -15.81
C ILE D 181 5.06 8.11 -16.73
N TRP D 182 5.20 7.50 -17.89
CA TRP D 182 4.06 7.39 -18.79
C TRP D 182 4.26 6.35 -19.86
N GLU D 183 3.17 6.00 -20.53
CA GLU D 183 3.19 5.02 -21.59
C GLU D 183 2.00 5.29 -22.50
N SER D 184 2.25 5.34 -23.80
CA SER D 184 1.21 5.60 -24.79
C SER D 184 -0.06 4.75 -24.64
N SER D 185 0.10 3.50 -24.22
CA SER D 185 -1.05 2.61 -24.06
C SER D 185 -1.56 2.48 -22.62
N ALA D 186 -1.37 3.52 -21.83
CA ALA D 186 -1.83 3.49 -20.45
C ALA D 186 -3.18 4.20 -20.33
N VAL D 187 -4.12 3.54 -19.65
CA VAL D 187 -5.46 4.07 -19.43
C VAL D 187 -5.39 5.18 -18.40
N VAL D 188 -4.64 4.91 -17.33
CA VAL D 188 -4.47 5.89 -16.26
C VAL D 188 -3.03 5.77 -15.80
N ALA D 189 -2.50 6.90 -15.36
CA ALA D 189 -1.14 6.98 -14.88
C ALA D 189 -1.21 8.10 -13.88
N SER D 190 -0.56 7.91 -12.75
CA SER D 190 -0.55 8.92 -11.72
C SER D 190 0.66 8.77 -10.83
N PHE D 191 1.00 9.86 -10.16
CA PHE D 191 2.12 9.87 -9.25
C PHE D 191 1.80 10.80 -8.11
N GLU D 192 2.39 10.50 -6.96
CA GLU D 192 2.21 11.26 -5.76
C GLU D 192 3.55 11.38 -5.07
N ALA D 193 3.88 12.59 -4.62
CA ALA D 193 5.13 12.86 -3.93
C ALA D 193 4.86 13.63 -2.65
N THR D 194 5.52 13.23 -1.58
CA THR D 194 5.37 13.86 -0.29
C THR D 194 6.72 13.93 0.41
N PHE D 195 7.03 15.08 1.01
CA PHE D 195 8.29 15.24 1.72
C PHE D 195 8.12 16.34 2.77
N THR D 196 8.85 16.18 3.87
CA THR D 196 8.82 17.13 4.96
C THR D 196 10.21 17.77 4.99
N PHE D 197 10.23 19.07 5.24
CA PHE D 197 11.47 19.82 5.28
C PHE D 197 11.61 20.77 6.45
N LEU D 198 12.84 21.22 6.65
CA LEU D 198 13.18 22.13 7.71
C LEU D 198 14.11 23.20 7.12
N ILE D 199 13.56 24.39 6.88
CA ILE D 199 14.34 25.49 6.34
C ILE D 199 14.57 26.41 7.50
N LYS D 200 15.84 26.54 7.86
CA LYS D 200 16.27 27.37 8.98
C LYS D 200 17.31 28.35 8.43
N SER D 201 17.12 29.62 8.69
CA SER D 201 18.04 30.64 8.21
C SER D 201 18.44 31.63 9.29
N PRO D 202 19.73 31.68 9.64
CA PRO D 202 20.27 32.58 10.67
C PRO D 202 20.52 34.00 10.12
N ASP D 203 20.90 34.08 8.85
CA ASP D 203 21.17 35.36 8.21
C ASP D 203 19.96 36.22 7.88
N SER D 204 20.24 37.35 7.25
CA SER D 204 19.26 38.36 6.84
C SER D 204 18.03 37.82 6.09
N HIS D 205 18.26 37.10 5.01
CA HIS D 205 17.16 36.53 4.21
C HIS D 205 17.44 35.07 3.93
N PRO D 206 16.39 34.25 3.88
CA PRO D 206 16.63 32.84 3.59
C PRO D 206 16.73 32.75 2.07
N ALA D 207 17.54 31.81 1.59
CA ALA D 207 17.71 31.61 0.15
C ALA D 207 18.40 30.27 -0.01
N ASP D 208 18.18 29.59 -1.13
CA ASP D 208 17.31 30.05 -2.21
C ASP D 208 16.02 29.23 -2.37
N GLY D 209 15.99 28.04 -1.77
CA GLY D 209 14.81 27.21 -1.87
C GLY D 209 15.07 25.75 -2.12
N ILE D 210 13.99 24.98 -2.11
CA ILE D 210 14.01 23.53 -2.33
C ILE D 210 13.05 23.26 -3.47
N ALA D 211 13.32 22.21 -4.26
CA ALA D 211 12.46 21.86 -5.38
C ALA D 211 12.40 20.34 -5.56
N PHE D 212 11.23 19.89 -6.01
CA PHE D 212 11.00 18.48 -6.28
C PHE D 212 11.05 18.49 -7.81
N PHE D 213 11.80 17.57 -8.41
CA PHE D 213 11.88 17.55 -9.85
C PHE D 213 11.87 16.14 -10.47
N ILE D 214 11.54 16.14 -11.75
CA ILE D 214 11.45 14.95 -12.58
C ILE D 214 12.38 15.33 -13.73
N SER D 215 13.25 14.41 -14.13
CA SER D 215 14.17 14.72 -15.20
C SER D 215 14.56 13.52 -16.03
N ASN D 216 15.38 13.78 -17.04
CA ASN D 216 15.84 12.70 -17.90
C ASN D 216 16.75 11.93 -16.95
N ILE D 217 16.80 10.62 -17.13
CA ILE D 217 17.61 9.72 -16.30
C ILE D 217 19.03 10.13 -15.96
N ASP D 218 19.76 10.63 -16.94
CA ASP D 218 21.14 11.06 -16.77
C ASP D 218 21.36 12.51 -16.35
N SER D 219 20.34 13.14 -15.82
CA SER D 219 20.45 14.53 -15.39
C SER D 219 21.50 14.72 -14.31
N SER D 220 22.12 15.90 -14.30
CA SER D 220 23.14 16.21 -13.31
C SER D 220 23.10 17.73 -13.13
N ILE D 221 23.62 18.20 -12.00
CA ILE D 221 23.65 19.62 -11.69
C ILE D 221 24.36 20.45 -12.76
N PRO D 222 23.67 21.44 -13.33
CA PRO D 222 24.30 22.28 -14.35
C PRO D 222 25.41 23.11 -13.70
N SER D 223 26.43 23.46 -14.50
CA SER D 223 27.55 24.26 -14.00
C SER D 223 27.04 25.63 -13.60
N GLY D 224 27.48 26.07 -12.44
CA GLY D 224 27.09 27.37 -11.93
C GLY D 224 25.64 27.56 -11.48
N SER D 225 24.90 26.47 -11.32
CA SER D 225 23.51 26.59 -10.90
C SER D 225 23.23 26.79 -9.43
N THR D 226 24.14 27.45 -8.71
CA THR D 226 23.90 27.69 -7.30
C THR D 226 22.89 28.87 -7.25
N GLY D 227 22.60 29.38 -6.05
CA GLY D 227 21.67 30.49 -5.95
C GLY D 227 20.29 30.25 -6.54
N ARG D 228 19.77 31.26 -7.24
CA ARG D 228 18.46 31.26 -7.89
C ARG D 228 18.16 30.20 -8.93
N LEU D 229 19.15 29.44 -9.35
CA LEU D 229 18.91 28.41 -10.36
C LEU D 229 18.49 27.09 -9.74
N LEU D 230 18.47 27.05 -8.41
CA LEU D 230 18.07 25.87 -7.64
C LEU D 230 18.69 24.55 -8.02
N GLY D 231 19.85 24.61 -8.68
CA GLY D 231 20.57 23.41 -9.09
C GLY D 231 19.85 22.60 -10.14
N LEU D 232 18.97 23.28 -10.86
CA LEU D 232 18.19 22.63 -11.90
C LEU D 232 18.36 23.24 -13.27
N PHE D 233 18.57 24.54 -13.32
CA PHE D 233 18.70 25.20 -14.59
C PHE D 233 20.07 25.80 -14.85
N PRO D 234 20.53 25.75 -16.11
CA PRO D 234 21.82 26.29 -16.57
C PRO D 234 21.83 27.83 -16.66
N ASP D 235 20.67 28.43 -16.86
CA ASP D 235 20.53 29.88 -16.96
C ASP D 235 19.14 30.31 -16.50
N ALA D 236 18.91 31.62 -16.50
CA ALA D 236 17.64 32.19 -16.08
C ALA D 236 16.66 32.46 -17.22
N ASN D 237 16.85 31.80 -18.35
CA ASN D 237 15.95 32.00 -19.47
C ASN D 237 14.65 31.22 -19.27
C1 MAN E . -5.05 -9.53 45.58
C2 MAN E . -3.70 -9.94 45.01
C3 MAN E . -2.70 -8.82 44.73
C4 MAN E . -3.41 -7.63 44.12
C5 MAN E . -4.60 -7.21 44.95
C6 MAN E . -5.38 -6.11 44.25
O1 MAN E . -4.63 -9.13 46.80
O2 MAN E . -3.96 -10.63 43.78
O3 MAN E . -1.66 -9.32 43.90
O4 MAN E . -2.51 -6.57 44.02
O5 MAN E . -5.53 -8.29 45.01
O6 MAN E . -6.07 -6.69 43.14
C1 MAN E . -0.44 -9.43 44.55
C2 MAN E . 0.65 -9.71 43.54
C3 MAN E . 0.46 -11.11 42.97
C4 MAN E . 0.49 -12.12 44.09
C5 MAN E . -0.63 -11.77 45.08
C6 MAN E . -0.69 -12.69 46.29
O2 MAN E . 1.92 -9.61 44.17
O3 MAN E . 1.46 -11.42 42.01
O4 MAN E . 0.27 -13.40 43.53
O5 MAN E . -0.44 -10.42 45.57
O6 MAN E . 0.40 -12.45 47.16
C1 MAN E . -6.64 -5.73 42.30
C2 MAN E . -7.44 -6.46 41.25
C3 MAN E . -6.50 -7.29 40.38
C4 MAN E . -5.42 -6.40 39.81
C5 MAN E . -4.69 -5.65 40.92
C6 MAN E . -3.73 -4.63 40.33
O2 MAN E . -8.18 -5.54 40.47
O3 MAN E . -7.21 -7.87 39.30
O4 MAN E . -4.50 -7.19 39.06
O5 MAN E . -5.64 -4.92 41.71
O6 MAN E . -4.43 -3.52 39.78
C1 MAN F . -41.56 5.02 -20.71
C2 MAN F . -40.46 5.66 -21.53
C3 MAN F . -39.55 4.73 -22.35
C4 MAN F . -39.26 3.46 -21.61
C5 MAN F . -40.51 2.83 -21.01
C6 MAN F . -40.11 1.67 -20.08
O1 MAN F . -42.41 4.66 -21.71
O2 MAN F . -39.67 6.36 -20.58
O3 MAN F . -38.36 5.41 -22.67
O4 MAN F . -38.71 2.57 -22.54
O5 MAN F . -41.16 3.75 -20.14
O6 MAN F . -39.63 2.22 -18.84
C1 MAN F . -38.15 5.61 -24.03
C2 MAN F . -36.75 6.19 -24.23
C3 MAN F . -36.66 7.61 -23.70
C4 MAN F . -37.81 8.47 -24.24
C5 MAN F . -39.16 7.77 -24.04
C6 MAN F . -40.32 8.50 -24.70
O2 MAN F . -36.42 6.18 -25.62
O3 MAN F . -35.41 8.18 -24.06
O4 MAN F . -37.82 9.73 -23.58
O5 MAN F . -39.12 6.46 -24.61
O6 MAN F . -40.37 8.22 -26.10
C1 MAN F . -39.14 1.24 -17.98
C2 MAN F . -38.82 1.91 -16.65
C3 MAN F . -37.72 2.92 -16.86
C4 MAN F . -36.50 2.22 -17.48
C5 MAN F . -36.89 1.50 -18.76
C6 MAN F . -35.75 0.66 -19.30
O2 MAN F . -38.39 0.92 -15.72
O3 MAN F . -37.34 3.50 -15.62
O4 MAN F . -35.50 3.20 -17.74
O5 MAN F . -37.98 0.61 -18.50
O6 MAN F . -35.58 -0.52 -18.54
C1 MAN G . 24.77 -36.10 -16.83
C2 MAN G . 23.71 -36.49 -15.78
C3 MAN G . 22.26 -36.47 -16.24
C4 MAN G . 22.00 -35.25 -17.10
C5 MAN G . 23.00 -35.15 -18.22
C6 MAN G . 22.82 -33.86 -19.02
O1 MAN G . 24.65 -37.19 -17.64
O2 MAN G . 23.85 -35.55 -14.72
O3 MAN G . 21.43 -36.52 -15.10
O4 MAN G . 20.71 -35.36 -17.63
O5 MAN G . 24.31 -35.01 -17.67
O6 MAN G . 23.13 -32.74 -18.19
C1 MAN G . 20.79 -37.74 -14.89
C2 MAN G . 19.78 -37.58 -13.76
C3 MAN G . 20.51 -37.38 -12.44
C4 MAN G . 21.43 -38.56 -12.19
C5 MAN G . 22.42 -38.63 -13.34
C6 MAN G . 23.39 -39.78 -13.22
O2 MAN G . 18.96 -38.74 -13.69
O3 MAN G . 19.58 -37.28 -11.39
O4 MAN G . 22.12 -38.37 -10.96
O5 MAN G . 21.70 -38.80 -14.59
O6 MAN G . 22.79 -40.98 -13.68
C1 MAN G . 22.76 -31.51 -18.75
C2 MAN G . 23.37 -30.42 -17.92
C3 MAN G . 22.78 -30.51 -16.52
C4 MAN G . 21.24 -30.41 -16.58
C5 MAN G . 20.69 -31.46 -17.53
C6 MAN G . 19.19 -31.28 -17.76
O2 MAN G . 23.09 -29.15 -18.51
O3 MAN G . 23.30 -29.48 -15.70
O4 MAN G . 20.69 -30.61 -15.29
O5 MAN G . 21.35 -31.35 -18.81
O6 MAN G . 18.93 -30.24 -18.71
C1 MAN H . 22.32 40.47 -7.64
C2 MAN H . 20.85 40.74 -7.32
C3 MAN H . 20.39 40.57 -5.86
C4 MAN H . 21.07 39.37 -5.25
C5 MAN H . 22.57 39.43 -5.45
C6 MAN H . 23.29 38.19 -4.87
O1 MAN H . 22.86 41.59 -7.07
O2 MAN H . 20.11 39.79 -8.10
O3 MAN H . 18.99 40.42 -5.85
O4 MAN H . 20.77 39.36 -3.89
O5 MAN H . 22.87 39.39 -6.84
O6 MAN H . 23.03 37.06 -5.73
C1 MAN H . 18.26 41.43 -5.23
C2 MAN H . 16.82 40.92 -5.04
C3 MAN H . 16.09 40.88 -6.39
C4 MAN H . 16.20 42.19 -7.14
C5 MAN H . 17.68 42.58 -7.27
C6 MAN H . 17.87 43.94 -7.93
O2 MAN H . 16.11 41.77 -4.15
O3 MAN H . 14.73 40.55 -6.19
O4 MAN H . 15.62 42.05 -8.43
O5 MAN H . 18.29 42.65 -5.97
O6 MAN H . 17.46 44.98 -7.07
C1 MAN H . 23.44 35.85 -5.15
C2 MAN H . 23.28 34.75 -6.19
C3 MAN H . 21.81 34.59 -6.52
C4 MAN H . 20.99 34.35 -5.25
C5 MAN H . 21.27 35.43 -4.22
C6 MAN H . 20.62 35.13 -2.88
O2 MAN H . 23.77 33.53 -5.66
O3 MAN H . 21.68 33.47 -7.39
O4 MAN H . 19.60 34.33 -5.55
O5 MAN H . 22.69 35.54 -3.98
O6 MAN H . 21.14 33.94 -2.33
MN MN I . -0.11 -12.03 32.05
CA CA J . -1.25 -9.32 35.13
MN MN K . -28.03 9.35 -17.22
CA CA L . -30.84 6.26 -18.17
MN MN M . 17.42 -28.70 -6.51
CA CA N . 18.11 -29.72 -10.58
MN MN O . 10.77 31.37 -8.20
CA CA P . 14.19 32.86 -6.23
#